data_4FOQ
#
_entry.id   4FOQ
#
_cell.length_a   76.226
_cell.length_b   82.528
_cell.length_c   116.462
_cell.angle_alpha   90.000
_cell.angle_beta   90.000
_cell.angle_gamma   90.000
#
_symmetry.space_group_name_H-M   'P 21 21 21'
#
loop_
_entity.id
_entity.type
_entity.pdbx_description
1 polymer 'Sialidase B'
2 non-polymer '2-AMINOETHANESULFONIC ACID'
3 non-polymer 'DIMETHYL SULFOXIDE'
4 water water
#
_entity_poly.entity_id   1
_entity_poly.type   'polypeptide(L)'
_entity_poly.pdbx_seq_one_letter_code
;MNKRGLYSKLGISVVGISLLMGVPTLIHANELNYGQLSISPIFQGGSYQLNNKSIDISSLLLDKLSGESQTVVMKFKADK
PNSLQALFGLSNSKAGFKNNYFSIFMRDSGEIGVEIRDAQKGINYLFSRPASLWGKHKGQAVENTLVFVSDSKDKTYTMY
VNGIEVFSETVDTFLPISNINGIDKATLGAVNREGKEHYLAKGSIDEISLFNKAISDQEVSTIPLSNPFQLIFQSGDSTQ
ANYFRIPTLYTLSSGRVLSSIDARYGGTHDSKSKINIATSYSDDNGKTWSEPIFAMKFNDYEEQLVYWPRDNKLKNSQIS
GSASFIDSSIVEDKKSGKTILLADVMPAGIGNNNANKADSGFKEINGHYYLKLKKNGDNDFRYTVRENGVVYNETTNKPT
NYTINDKYEVLEGGKSLTVEQYSVDFDSGSLRERHNGKQVPMNVFYKDSLFKVTPTNYIAMTTSQNRGESWEQFKLLPPF
LGEKHNGTYLCPGQGLALKSSNRLIFATYTSGELTYLISDDSGQTWKKSSASIPFKNATAEAQMVELRDGVIRTFFRTTT
GKIAYMTSRDSGETWSKVSYIDGIQQTSYGTQVSAIKYSQLIDGKEAVILSTPNSRSGRKGGQLVVGLVNKEDDSIDWKY
HYDIDLPSYGYAYSAITELPNHHIGVLFEKYDSWSRNELHLSNVVQYIDLEINDLTK
;
_entity_poly.pdbx_strand_id   A
#
loop_
_chem_comp.id
_chem_comp.type
_chem_comp.name
_chem_comp.formula
DMS non-polymer 'DIMETHYL SULFOXIDE' 'C2 H6 O S'
TAU non-polymer '2-AMINOETHANESULFONIC ACID' 'C2 H7 N O3 S'
#
# COMPACT_ATOMS: atom_id res chain seq x y z
N ILE A 39 1.23 -32.17 17.04
CA ILE A 39 0.46 -32.94 18.01
C ILE A 39 -1.05 -32.82 17.79
N SER A 40 -1.83 -33.38 18.72
CA SER A 40 -3.29 -33.40 18.58
C SER A 40 -3.94 -32.47 19.60
N PRO A 41 -5.13 -31.94 19.28
CA PRO A 41 -5.76 -30.98 20.20
C PRO A 41 -6.30 -31.63 21.47
N ILE A 42 -6.40 -30.84 22.53
CA ILE A 42 -7.02 -31.26 23.77
C ILE A 42 -8.51 -30.98 23.68
N PHE A 43 -8.87 -30.14 22.72
CA PHE A 43 -10.26 -29.80 22.48
C PHE A 43 -10.45 -29.41 21.03
N GLN A 44 -11.57 -29.86 20.47
CA GLN A 44 -11.92 -29.53 19.10
C GLN A 44 -13.43 -29.57 18.94
N GLY A 45 -13.98 -28.48 18.42
CA GLY A 45 -15.41 -28.40 18.20
C GLY A 45 -15.67 -27.50 17.02
N GLY A 46 -16.91 -27.47 16.53
CA GLY A 46 -17.18 -26.67 15.35
C GLY A 46 -18.64 -26.46 15.04
N SER A 47 -18.88 -25.65 14.01
CA SER A 47 -20.20 -25.17 13.65
C SER A 47 -20.96 -24.63 14.86
N TYR A 48 -20.44 -23.55 15.43
CA TYR A 48 -21.17 -22.82 16.46
C TYR A 48 -21.71 -21.54 15.85
N GLN A 49 -23.00 -21.28 16.08
CA GLN A 49 -23.59 -20.05 15.61
C GLN A 49 -23.57 -19.06 16.76
N LEU A 50 -22.96 -17.91 16.54
CA LEU A 50 -22.94 -16.86 17.56
C LEU A 50 -23.96 -15.79 17.20
N ASN A 51 -25.15 -15.88 17.79
N ASN A 51 -25.15 -15.88 17.78
CA ASN A 51 -26.20 -14.90 17.51
CA ASN A 51 -26.19 -14.89 17.51
C ASN A 51 -26.53 -14.09 18.75
C ASN A 51 -26.53 -14.12 18.78
N ASN A 52 -25.58 -13.26 19.19
CA ASN A 52 -25.74 -12.46 20.40
C ASN A 52 -26.17 -13.26 21.60
N LYS A 53 -25.64 -14.48 21.70
CA LYS A 53 -25.88 -15.36 22.82
C LYS A 53 -24.66 -16.25 22.97
N SER A 54 -23.96 -16.15 24.11
CA SER A 54 -22.74 -16.90 24.32
C SER A 54 -22.99 -18.40 24.44
N ILE A 55 -21.97 -19.18 24.11
CA ILE A 55 -22.02 -20.64 24.22
C ILE A 55 -21.01 -21.10 25.27
N ASP A 56 -21.50 -21.79 26.30
CA ASP A 56 -20.63 -22.27 27.37
C ASP A 56 -20.00 -23.62 27.03
N ILE A 57 -18.66 -23.64 26.98
CA ILE A 57 -17.93 -24.87 26.69
C ILE A 57 -17.01 -25.24 27.84
N SER A 58 -17.27 -24.67 29.01
CA SER A 58 -16.44 -24.91 30.19
C SER A 58 -16.22 -26.39 30.48
N SER A 59 -17.32 -27.16 30.47
CA SER A 59 -17.26 -28.58 30.84
C SER A 59 -16.36 -29.35 29.88
N LEU A 60 -16.40 -28.94 28.61
CA LEU A 60 -15.61 -29.59 27.57
C LEU A 60 -14.12 -29.25 27.61
N LEU A 61 -13.80 -28.03 28.04
CA LEU A 61 -12.45 -27.49 27.84
C LEU A 61 -11.61 -27.29 29.10
N LEU A 62 -12.23 -26.75 30.16
CA LEU A 62 -11.45 -26.28 31.31
C LEU A 62 -10.49 -27.31 31.91
N ASP A 63 -10.97 -28.52 32.19
CA ASP A 63 -10.11 -29.55 32.77
C ASP A 63 -9.09 -30.14 31.78
N LYS A 64 -9.18 -29.73 30.51
CA LYS A 64 -8.22 -30.14 29.49
C LYS A 64 -6.98 -29.24 29.51
N LEU A 65 -7.16 -27.99 29.92
CA LEU A 65 -6.07 -27.02 29.92
C LEU A 65 -4.99 -27.41 30.94
N SER A 66 -3.75 -27.53 30.48
CA SER A 66 -2.66 -27.87 31.37
CA SER A 66 -2.65 -27.93 31.34
C SER A 66 -1.34 -27.30 30.87
N GLY A 67 -0.47 -26.96 31.81
CA GLY A 67 0.79 -26.33 31.45
C GLY A 67 0.57 -24.85 31.14
N GLU A 68 1.67 -24.14 30.85
CA GLU A 68 1.59 -22.69 30.71
C GLU A 68 1.61 -22.18 29.27
N SER A 69 1.69 -23.08 28.29
CA SER A 69 1.72 -22.67 26.89
C SER A 69 0.50 -23.20 26.16
N GLN A 70 -0.15 -22.36 25.36
CA GLN A 70 -1.33 -22.81 24.63
C GLN A 70 -1.40 -22.23 23.20
N THR A 71 -2.00 -23.00 22.30
CA THR A 71 -2.32 -22.51 20.96
C THR A 71 -3.84 -22.61 20.75
N VAL A 72 -4.43 -21.55 20.20
CA VAL A 72 -5.83 -21.56 19.80
C VAL A 72 -5.87 -21.46 18.27
N VAL A 73 -6.57 -22.40 17.65
CA VAL A 73 -6.80 -22.34 16.22
C VAL A 73 -8.30 -22.17 16.03
N MET A 74 -8.71 -21.15 15.27
CA MET A 74 -10.13 -20.86 15.12
C MET A 74 -10.46 -20.41 13.71
N LYS A 75 -11.37 -21.11 13.06
CA LYS A 75 -11.89 -20.68 11.76
C LYS A 75 -13.28 -20.09 11.98
N PHE A 76 -13.45 -18.83 11.61
CA PHE A 76 -14.68 -18.11 11.96
C PHE A 76 -15.11 -17.15 10.85
N LYS A 77 -16.40 -16.85 10.82
CA LYS A 77 -16.95 -15.86 9.90
C LYS A 77 -17.61 -14.79 10.73
N ALA A 78 -17.51 -13.56 10.25
CA ALA A 78 -18.23 -12.45 10.87
C ALA A 78 -18.45 -11.42 9.80
N ASP A 79 -19.59 -11.51 9.13
CA ASP A 79 -19.91 -10.57 8.05
C ASP A 79 -20.89 -9.51 8.50
N LYS A 80 -21.38 -9.63 9.73
CA LYS A 80 -22.22 -8.59 10.32
C LYS A 80 -21.83 -8.36 11.77
N PRO A 81 -20.54 -8.07 12.02
CA PRO A 81 -20.10 -8.05 13.42
C PRO A 81 -20.68 -6.89 14.21
N ASN A 82 -20.81 -7.06 15.51
CA ASN A 82 -21.08 -5.94 16.39
C ASN A 82 -19.86 -5.03 16.43
N SER A 83 -19.98 -3.88 17.08
CA SER A 83 -18.90 -2.90 17.12
C SER A 83 -17.63 -3.48 17.75
N LEU A 84 -17.83 -4.20 18.86
CA LEU A 84 -16.74 -4.84 19.58
C LEU A 84 -17.26 -6.15 20.15
N GLN A 85 -16.67 -7.27 19.74
CA GLN A 85 -17.16 -8.56 20.20
C GLN A 85 -16.05 -9.56 20.48
N ALA A 86 -16.25 -10.40 21.50
CA ALA A 86 -15.30 -11.45 21.80
C ALA A 86 -15.70 -12.75 21.09
N LEU A 87 -14.73 -13.38 20.44
CA LEU A 87 -14.98 -14.67 19.82
C LEU A 87 -14.82 -15.79 20.83
N PHE A 88 -13.86 -15.62 21.73
CA PHE A 88 -13.52 -16.68 22.67
C PHE A 88 -13.10 -16.05 23.98
N GLY A 89 -13.47 -16.69 25.08
CA GLY A 89 -13.18 -16.17 26.40
C GLY A 89 -12.88 -17.26 27.40
N LEU A 90 -11.94 -16.96 28.29
CA LEU A 90 -11.65 -17.78 29.46
C LEU A 90 -11.65 -16.82 30.62
N SER A 91 -12.59 -17.00 31.56
CA SER A 91 -12.76 -15.98 32.59
C SER A 91 -13.07 -16.53 33.97
N ASN A 92 -12.77 -15.70 34.96
CA ASN A 92 -13.30 -15.86 36.30
C ASN A 92 -14.64 -15.12 36.32
N SER A 93 -15.73 -15.87 36.36
CA SER A 93 -17.05 -15.26 36.27
C SER A 93 -17.57 -14.78 37.63
N LYS A 94 -16.74 -14.83 38.67
CA LYS A 94 -17.21 -14.54 40.03
C LYS A 94 -17.25 -13.05 40.38
N ALA A 95 -18.15 -12.69 41.30
CA ALA A 95 -18.22 -11.34 41.84
C ALA A 95 -16.86 -10.86 42.32
N GLY A 96 -16.46 -9.66 41.90
CA GLY A 96 -15.19 -9.11 42.33
C GLY A 96 -13.99 -9.45 41.44
N PHE A 97 -14.18 -10.31 40.44
CA PHE A 97 -13.07 -10.70 39.56
C PHE A 97 -13.37 -10.41 38.11
N LYS A 98 -14.04 -9.29 37.89
CA LYS A 98 -14.48 -8.85 36.57
C LYS A 98 -13.30 -8.62 35.62
N ASN A 99 -12.11 -8.43 36.18
CA ASN A 99 -10.93 -8.14 35.37
C ASN A 99 -9.94 -9.31 35.35
N ASN A 100 -10.47 -10.50 35.53
CA ASN A 100 -9.67 -11.71 35.46
C ASN A 100 -10.16 -12.54 34.30
N TYR A 101 -9.63 -12.27 33.11
CA TYR A 101 -10.03 -13.03 31.94
C TYR A 101 -9.03 -12.98 30.80
N PHE A 102 -9.10 -14.00 29.95
CA PHE A 102 -8.46 -13.98 28.63
C PHE A 102 -9.56 -13.90 27.57
N SER A 103 -9.33 -13.13 26.52
CA SER A 103 -10.29 -13.06 25.42
C SER A 103 -9.61 -12.88 24.09
N ILE A 104 -10.20 -13.43 23.04
CA ILE A 104 -9.83 -13.06 21.68
C ILE A 104 -11.00 -12.21 21.17
N PHE A 105 -10.71 -10.96 20.80
CA PHE A 105 -11.78 -10.06 20.38
C PHE A 105 -11.53 -9.50 18.99
N MET A 106 -12.58 -8.95 18.38
CA MET A 106 -12.47 -8.24 17.12
C MET A 106 -13.34 -6.97 17.17
N ARG A 107 -13.06 -6.02 16.29
CA ARG A 107 -13.91 -4.85 16.16
C ARG A 107 -14.50 -4.81 14.75
N ASP A 108 -15.57 -4.03 14.56
CA ASP A 108 -16.16 -3.93 13.23
C ASP A 108 -15.29 -3.11 12.26
N SER A 109 -14.13 -2.65 12.74
CA SER A 109 -13.11 -2.03 11.87
C SER A 109 -12.23 -3.09 11.18
N GLY A 110 -12.37 -4.35 11.59
CA GLY A 110 -11.50 -5.42 11.12
C GLY A 110 -10.32 -5.70 12.03
N GLU A 111 -10.20 -4.92 13.09
CA GLU A 111 -9.14 -5.12 14.08
C GLU A 111 -9.34 -6.44 14.84
N ILE A 112 -8.22 -7.09 15.20
CA ILE A 112 -8.24 -8.32 15.98
C ILE A 112 -7.33 -8.11 17.19
N GLY A 113 -7.64 -8.75 18.32
CA GLY A 113 -6.75 -8.65 19.45
C GLY A 113 -7.01 -9.65 20.56
N VAL A 114 -6.19 -9.59 21.60
CA VAL A 114 -6.46 -10.34 22.81
C VAL A 114 -6.34 -9.43 24.02
N GLU A 115 -7.00 -9.84 25.11
CA GLU A 115 -6.75 -9.31 26.45
C GLU A 115 -6.33 -10.45 27.35
N ILE A 116 -5.35 -10.21 28.22
CA ILE A 116 -4.94 -11.21 29.20
C ILE A 116 -4.82 -10.49 30.53
N ARG A 117 -5.76 -10.75 31.42
CA ARG A 117 -5.93 -9.93 32.62
C ARG A 117 -6.06 -10.75 33.89
N ASP A 118 -5.39 -10.29 34.94
CA ASP A 118 -5.42 -10.92 36.25
C ASP A 118 -5.15 -9.84 37.29
N ALA A 119 -6.17 -9.49 38.06
CA ALA A 119 -6.08 -8.36 38.99
C ALA A 119 -5.12 -8.63 40.14
N GLN A 120 -5.06 -9.88 40.58
CA GLN A 120 -4.18 -10.23 41.69
C GLN A 120 -2.71 -10.11 41.30
N LYS A 121 -2.42 -10.41 40.03
CA LYS A 121 -1.07 -10.32 39.52
C LYS A 121 -0.75 -8.90 39.05
N GLY A 122 -1.76 -8.04 39.05
CA GLY A 122 -1.60 -6.69 38.54
C GLY A 122 -1.18 -6.66 37.08
N ILE A 123 -1.74 -7.58 36.29
CA ILE A 123 -1.46 -7.66 34.85
C ILE A 123 -2.71 -7.35 34.01
N ASN A 124 -2.59 -6.40 33.08
CA ASN A 124 -3.65 -6.14 32.11
C ASN A 124 -3.06 -5.96 30.72
N TYR A 125 -2.86 -7.07 30.02
CA TYR A 125 -2.27 -7.02 28.69
C TYR A 125 -3.35 -6.84 27.65
N LEU A 126 -3.06 -6.02 26.65
CA LEU A 126 -3.93 -5.90 25.48
C LEU A 126 -3.02 -5.79 24.27
N PHE A 127 -3.11 -6.78 23.41
CA PHE A 127 -2.35 -6.74 22.16
C PHE A 127 -3.36 -6.80 21.03
N SER A 128 -3.17 -5.98 20.01
CA SER A 128 -4.09 -6.00 18.88
C SER A 128 -3.46 -5.43 17.61
N ARG A 129 -4.08 -5.70 16.47
CA ARG A 129 -3.72 -4.96 15.25
C ARG A 129 -4.95 -4.63 14.42
N PRO A 130 -5.06 -3.35 13.99
CA PRO A 130 -6.14 -2.96 13.09
C PRO A 130 -6.08 -3.75 11.78
N ALA A 131 -7.15 -3.68 10.98
CA ALA A 131 -7.16 -4.22 9.62
C ALA A 131 -6.56 -5.63 9.46
N SER A 132 -7.04 -6.59 10.24
CA SER A 132 -6.49 -7.94 10.19
C SER A 132 -7.46 -8.98 9.61
N LEU A 133 -8.69 -8.56 9.29
CA LEU A 133 -9.75 -9.52 8.95
C LEU A 133 -10.37 -9.31 7.57
N TRP A 134 -10.96 -10.37 7.04
CA TRP A 134 -11.91 -10.25 5.94
C TRP A 134 -13.34 -10.48 6.45
N GLY A 135 -14.32 -9.90 5.76
CA GLY A 135 -15.71 -10.05 6.14
C GLY A 135 -16.49 -10.84 5.11
N LYS A 136 -16.49 -10.34 3.87
CA LYS A 136 -17.21 -10.98 2.76
CA LYS A 136 -17.18 -11.01 2.77
C LYS A 136 -16.37 -10.88 1.49
N HIS A 137 -16.61 -11.80 0.55
CA HIS A 137 -15.94 -11.79 -0.74
C HIS A 137 -16.92 -12.41 -1.72
N LYS A 138 -17.18 -11.72 -2.83
CA LYS A 138 -18.20 -12.14 -3.80
C LYS A 138 -19.52 -12.40 -3.09
N GLY A 139 -19.84 -11.56 -2.11
CA GLY A 139 -21.12 -11.65 -1.41
C GLY A 139 -21.24 -12.73 -0.35
N GLN A 140 -20.21 -13.56 -0.19
CA GLN A 140 -20.24 -14.66 0.76
C GLN A 140 -19.33 -14.39 1.96
N ALA A 141 -19.78 -14.78 3.15
CA ALA A 141 -18.96 -14.63 4.36
C ALA A 141 -17.63 -15.38 4.24
N VAL A 142 -16.54 -14.69 4.56
CA VAL A 142 -15.19 -15.26 4.50
C VAL A 142 -14.83 -16.05 5.75
N GLU A 143 -14.30 -17.25 5.55
CA GLU A 143 -13.78 -18.03 6.68
C GLU A 143 -12.36 -17.55 7.03
N ASN A 144 -12.24 -16.78 8.10
CA ASN A 144 -10.93 -16.34 8.59
C ASN A 144 -10.28 -17.44 9.40
N THR A 145 -8.98 -17.62 9.21
CA THR A 145 -8.25 -18.63 9.98
C THR A 145 -7.34 -17.91 10.97
N LEU A 146 -7.66 -18.05 12.25
CA LEU A 146 -6.93 -17.36 13.30
C LEU A 146 -6.11 -18.37 14.09
N VAL A 147 -4.82 -18.04 14.29
CA VAL A 147 -3.96 -18.87 15.11
C VAL A 147 -3.33 -17.98 16.18
N PHE A 148 -3.60 -18.29 17.45
CA PHE A 148 -3.00 -17.55 18.53
C PHE A 148 -2.11 -18.47 19.35
N VAL A 149 -0.86 -18.02 19.54
CA VAL A 149 0.14 -18.80 20.24
C VAL A 149 0.59 -18.08 21.50
N SER A 150 0.43 -18.75 22.63
CA SER A 150 0.83 -18.24 23.95
C SER A 150 2.00 -19.11 24.45
N ASP A 151 3.19 -18.55 24.43
CA ASP A 151 4.42 -19.32 24.61
C ASP A 151 5.10 -18.93 25.93
N SER A 152 4.99 -19.78 26.95
CA SER A 152 5.56 -19.47 28.26
C SER A 152 7.08 -19.44 28.23
N LYS A 153 7.70 -20.30 27.41
CA LYS A 153 9.15 -20.39 27.39
C LYS A 153 9.78 -19.11 26.85
N ASP A 154 9.28 -18.64 25.71
CA ASP A 154 9.78 -17.41 25.11
C ASP A 154 9.07 -16.19 25.68
N LYS A 155 8.10 -16.41 26.56
CA LYS A 155 7.27 -15.34 27.11
C LYS A 155 6.70 -14.43 26.02
N THR A 156 6.13 -15.04 24.98
CA THR A 156 5.72 -14.30 23.79
C THR A 156 4.30 -14.67 23.38
N TYR A 157 3.50 -13.67 23.02
CA TYR A 157 2.16 -13.91 22.49
C TYR A 157 2.16 -13.53 21.01
N THR A 158 1.77 -14.46 20.15
CA THR A 158 1.78 -14.25 18.71
C THR A 158 0.42 -14.55 18.09
N MET A 159 -0.04 -13.65 17.21
CA MET A 159 -1.34 -13.80 16.54
C MET A 159 -1.17 -13.85 15.02
N TYR A 160 -1.73 -14.88 14.39
CA TYR A 160 -1.79 -14.97 12.93
C TYR A 160 -3.25 -14.92 12.48
N VAL A 161 -3.53 -14.19 11.41
CA VAL A 161 -4.85 -14.28 10.77
C VAL A 161 -4.68 -14.41 9.27
N ASN A 162 -5.30 -15.44 8.69
CA ASN A 162 -5.20 -15.72 7.28
C ASN A 162 -3.77 -15.85 6.77
N GLY A 163 -2.92 -16.46 7.61
CA GLY A 163 -1.55 -16.74 7.22
C GLY A 163 -0.60 -15.58 7.40
N ILE A 164 -1.07 -14.54 8.08
CA ILE A 164 -0.28 -13.34 8.27
C ILE A 164 -0.10 -13.07 9.75
N GLU A 165 1.15 -12.94 10.18
CA GLU A 165 1.42 -12.63 11.57
C GLU A 165 1.10 -11.17 11.77
N VAL A 166 0.12 -10.87 12.63
CA VAL A 166 -0.32 -9.49 12.85
C VAL A 166 0.25 -8.89 14.15
N PHE A 167 0.64 -9.72 15.10
CA PHE A 167 1.49 -9.26 16.20
C PHE A 167 2.26 -10.38 16.87
N SER A 168 3.39 -10.02 17.48
CA SER A 168 4.23 -10.95 18.22
C SER A 168 4.82 -10.14 19.37
N GLU A 169 4.32 -10.37 20.58
CA GLU A 169 4.70 -9.51 21.70
C GLU A 169 5.37 -10.29 22.82
N THR A 170 6.58 -9.87 23.18
CA THR A 170 7.32 -10.47 24.28
C THR A 170 7.17 -9.60 25.53
N VAL A 171 6.95 -10.24 26.68
CA VAL A 171 6.78 -9.51 27.94
C VAL A 171 7.77 -9.98 29.00
N ASP A 172 8.02 -9.12 29.98
CA ASP A 172 8.91 -9.48 31.09
C ASP A 172 8.23 -10.47 32.03
N THR A 173 6.97 -10.21 32.32
CA THR A 173 6.19 -11.09 33.19
C THR A 173 5.11 -11.81 32.39
N PHE A 174 5.33 -13.08 32.11
CA PHE A 174 4.39 -13.83 31.28
C PHE A 174 3.15 -14.25 32.07
N LEU A 175 1.98 -14.19 31.42
CA LEU A 175 0.75 -14.66 32.03
C LEU A 175 0.10 -15.75 31.19
N PRO A 176 0.22 -17.01 31.63
CA PRO A 176 -0.42 -18.12 30.92
C PRO A 176 -1.93 -17.90 30.92
N ILE A 177 -2.60 -18.15 29.80
CA ILE A 177 -3.99 -17.75 29.62
C ILE A 177 -4.95 -18.54 30.50
N SER A 178 -4.51 -19.70 30.97
CA SER A 178 -5.34 -20.50 31.87
C SER A 178 -4.77 -20.51 33.29
N ASN A 179 -3.75 -19.71 33.53
CA ASN A 179 -3.29 -19.51 34.90
C ASN A 179 -3.81 -18.21 35.52
N ILE A 180 -4.84 -17.64 34.91
CA ILE A 180 -5.52 -16.50 35.50
C ILE A 180 -6.27 -16.98 36.76
N ASN A 181 -6.12 -16.22 37.84
CA ASN A 181 -6.69 -16.60 39.13
CA ASN A 181 -6.69 -16.57 39.14
C ASN A 181 -8.19 -16.81 39.11
N GLY A 182 -8.61 -18.03 39.43
CA GLY A 182 -10.02 -18.35 39.55
C GLY A 182 -10.82 -18.53 38.27
N ILE A 183 -10.14 -18.77 37.16
CA ILE A 183 -10.86 -19.05 35.92
C ILE A 183 -11.82 -20.21 36.13
N ASP A 184 -13.07 -20.02 35.71
CA ASP A 184 -14.10 -21.04 35.91
C ASP A 184 -15.06 -21.12 34.73
N LYS A 185 -14.80 -20.35 33.68
CA LYS A 185 -15.67 -20.34 32.50
C LYS A 185 -14.85 -20.32 31.20
N ALA A 186 -15.23 -21.17 30.26
CA ALA A 186 -14.75 -21.09 28.88
C ALA A 186 -15.95 -20.79 28.00
N THR A 187 -15.84 -19.73 27.20
CA THR A 187 -17.00 -19.17 26.51
C THR A 187 -16.72 -18.88 25.03
N LEU A 188 -17.71 -19.16 24.18
CA LEU A 188 -17.64 -18.69 22.80
C LEU A 188 -18.65 -17.58 22.59
N GLY A 189 -18.22 -16.49 21.95
CA GLY A 189 -19.13 -15.44 21.55
C GLY A 189 -19.43 -14.44 22.64
N ALA A 190 -18.70 -14.51 23.75
CA ALA A 190 -18.74 -13.49 24.81
C ALA A 190 -17.64 -13.74 25.82
N VAL A 191 -17.49 -12.81 26.76
CA VAL A 191 -16.73 -13.07 27.97
C VAL A 191 -17.69 -13.01 29.15
N ASN A 192 -17.69 -14.04 29.99
CA ASN A 192 -18.49 -14.05 31.22
C ASN A 192 -17.79 -13.32 32.35
N ARG A 193 -18.31 -12.15 32.70
CA ARG A 193 -17.75 -11.37 33.80
C ARG A 193 -18.84 -11.16 34.85
N GLU A 194 -18.59 -11.64 36.06
CA GLU A 194 -19.56 -11.50 37.14
C GLU A 194 -20.93 -12.02 36.73
N GLY A 195 -20.94 -13.09 35.94
CA GLY A 195 -22.17 -13.78 35.57
C GLY A 195 -22.91 -13.19 34.39
N LYS A 196 -22.36 -12.16 33.77
CA LYS A 196 -23.02 -11.53 32.64
C LYS A 196 -22.20 -11.63 31.34
N GLU A 197 -22.91 -11.55 30.22
CA GLU A 197 -22.30 -11.69 28.89
C GLU A 197 -21.77 -10.35 28.39
N HIS A 198 -20.46 -10.20 28.39
CA HIS A 198 -19.84 -8.99 27.86
C HIS A 198 -19.32 -9.25 26.45
N TYR A 199 -19.31 -8.20 25.62
CA TYR A 199 -18.76 -8.29 24.26
C TYR A 199 -19.48 -9.34 23.42
N LEU A 200 -20.81 -9.37 23.48
CA LEU A 200 -21.60 -10.36 22.74
C LEU A 200 -21.28 -10.30 21.25
N ALA A 201 -21.13 -11.47 20.64
CA ALA A 201 -20.73 -11.56 19.24
C ALA A 201 -21.87 -11.95 18.31
N LYS A 202 -21.78 -11.46 17.08
CA LYS A 202 -22.56 -11.98 15.98
C LYS A 202 -21.57 -12.54 14.96
N GLY A 203 -21.65 -13.84 14.71
CA GLY A 203 -20.80 -14.47 13.70
C GLY A 203 -20.94 -15.96 13.82
N SER A 204 -19.97 -16.70 13.30
CA SER A 204 -19.95 -18.14 13.47
C SER A 204 -18.53 -18.66 13.65
N ILE A 205 -18.40 -19.72 14.44
CA ILE A 205 -17.11 -20.41 14.59
C ILE A 205 -17.26 -21.81 14.03
N ASP A 206 -16.81 -22.01 12.79
CA ASP A 206 -17.02 -23.32 12.18
C ASP A 206 -16.05 -24.34 12.73
N GLU A 207 -14.96 -23.86 13.34
CA GLU A 207 -13.93 -24.77 13.83
C GLU A 207 -13.09 -24.10 14.90
N ILE A 208 -12.97 -24.74 16.06
CA ILE A 208 -12.05 -24.25 17.08
C ILE A 208 -11.31 -25.41 17.73
N SER A 209 -9.98 -25.29 17.81
CA SER A 209 -9.14 -26.30 18.42
C SER A 209 -8.20 -25.61 19.40
N LEU A 210 -7.89 -26.30 20.51
CA LEU A 210 -6.91 -25.82 21.46
C LEU A 210 -5.85 -26.85 21.73
N PHE A 211 -4.63 -26.39 21.98
CA PHE A 211 -3.48 -27.26 22.12
C PHE A 211 -2.74 -26.82 23.38
N ASN A 212 -2.25 -27.80 24.14
CA ASN A 212 -1.41 -27.50 25.29
C ASN A 212 0.05 -27.44 24.86
N LYS A 213 0.31 -26.60 23.88
CA LYS A 213 1.65 -26.43 23.35
C LYS A 213 1.68 -25.11 22.61
N ALA A 214 2.86 -24.50 22.57
CA ALA A 214 3.08 -23.35 21.70
C ALA A 214 3.62 -23.90 20.39
N ILE A 215 2.76 -24.03 19.39
CA ILE A 215 3.22 -24.58 18.12
C ILE A 215 4.18 -23.63 17.40
N SER A 216 5.10 -24.21 16.64
CA SER A 216 6.15 -23.43 16.00
C SER A 216 5.63 -22.70 14.78
N ASP A 217 6.38 -21.68 14.36
CA ASP A 217 6.09 -20.96 13.13
C ASP A 217 5.92 -21.92 11.93
N GLN A 218 6.73 -22.97 11.87
CA GLN A 218 6.64 -23.99 10.82
C GLN A 218 5.28 -24.67 10.84
N GLU A 219 4.92 -25.16 12.02
CA GLU A 219 3.66 -25.85 12.21
C GLU A 219 2.49 -24.94 11.84
N VAL A 220 2.55 -23.68 12.27
CA VAL A 220 1.54 -22.69 11.89
C VAL A 220 1.38 -22.63 10.36
N SER A 221 2.50 -22.65 9.65
CA SER A 221 2.47 -22.52 8.19
C SER A 221 1.80 -23.71 7.48
N THR A 222 1.62 -24.83 8.20
CA THR A 222 0.98 -26.00 7.60
C THR A 222 -0.54 -26.04 7.79
N ILE A 223 -1.07 -25.10 8.57
CA ILE A 223 -2.52 -25.03 8.79
C ILE A 223 -3.21 -24.51 7.53
N PRO A 224 -4.14 -25.30 6.96
CA PRO A 224 -4.83 -24.92 5.73
C PRO A 224 -5.59 -23.59 5.87
N LEU A 225 -5.60 -22.78 4.81
CA LEU A 225 -6.27 -21.49 4.86
C LEU A 225 -7.42 -21.43 3.86
N SER A 226 -8.36 -20.54 4.10
CA SER A 226 -9.44 -20.32 3.14
C SER A 226 -9.46 -18.87 2.69
N ASN A 227 -8.30 -18.37 2.27
CA ASN A 227 -8.17 -16.96 1.93
C ASN A 227 -8.87 -16.54 0.64
N PRO A 228 -9.55 -15.39 0.65
CA PRO A 228 -10.15 -14.91 -0.61
C PRO A 228 -9.15 -14.09 -1.43
N PHE A 229 -7.95 -13.92 -0.89
CA PHE A 229 -6.95 -13.03 -1.47
C PHE A 229 -5.58 -13.72 -1.59
N GLN A 230 -4.65 -13.05 -2.28
CA GLN A 230 -3.28 -13.51 -2.30
C GLN A 230 -2.37 -12.31 -2.12
N LEU A 231 -1.10 -12.57 -1.82
CA LEU A 231 -0.13 -11.51 -1.71
C LEU A 231 0.77 -11.57 -2.94
N ILE A 232 1.11 -10.40 -3.47
CA ILE A 232 2.07 -10.29 -4.55
C ILE A 232 3.38 -9.86 -3.92
N PHE A 233 3.33 -8.74 -3.23
CA PHE A 233 4.44 -8.26 -2.41
C PHE A 233 4.11 -8.54 -0.95
N GLN A 234 5.10 -8.93 -0.16
CA GLN A 234 4.87 -9.27 1.24
C GLN A 234 6.15 -9.18 2.08
N SER A 235 5.97 -9.01 3.37
CA SER A 235 7.06 -8.90 4.32
C SER A 235 7.99 -10.11 4.20
N GLY A 236 9.29 -9.85 4.06
CA GLY A 236 10.27 -10.92 4.02
C GLY A 236 10.61 -11.37 2.61
N ASP A 237 9.97 -10.76 1.62
CA ASP A 237 10.27 -11.12 0.24
C ASP A 237 11.59 -10.46 -0.20
N SER A 238 11.89 -10.54 -1.50
CA SER A 238 13.16 -10.06 -2.04
C SER A 238 13.40 -8.55 -1.85
N THR A 239 12.35 -7.77 -1.63
CA THR A 239 12.53 -6.33 -1.43
C THR A 239 13.12 -6.07 -0.06
N GLN A 240 12.81 -6.96 0.89
CA GLN A 240 13.14 -6.77 2.30
C GLN A 240 12.51 -5.52 2.91
N ALA A 241 11.48 -4.97 2.27
CA ALA A 241 10.67 -3.93 2.92
C ALA A 241 9.59 -4.60 3.74
N ASN A 242 9.35 -4.11 4.96
CA ASN A 242 8.30 -4.70 5.78
C ASN A 242 6.92 -4.16 5.42
N TYR A 243 6.89 -3.09 4.62
CA TYR A 243 5.65 -2.35 4.31
C TYR A 243 5.54 -2.03 2.82
N PHE A 244 4.30 -1.91 2.34
CA PHE A 244 4.06 -1.58 0.93
C PHE A 244 2.88 -0.64 0.82
N ARG A 245 2.95 0.28 -0.13
CA ARG A 245 1.83 1.16 -0.41
C ARG A 245 1.83 1.48 -1.91
N ILE A 246 0.73 2.04 -2.39
CA ILE A 246 0.64 2.55 -3.76
C ILE A 246 0.81 1.45 -4.83
N PRO A 247 -0.15 0.52 -4.90
CA PRO A 247 -0.15 -0.56 -5.90
C PRO A 247 -0.54 -0.08 -7.29
N THR A 248 0.03 -0.71 -8.31
CA THR A 248 -0.38 -0.53 -9.69
C THR A 248 -0.57 -1.91 -10.34
N LEU A 249 -1.36 -1.95 -11.41
CA LEU A 249 -1.52 -3.16 -12.23
C LEU A 249 -1.68 -2.74 -13.68
N TYR A 250 -1.10 -3.52 -14.58
CA TYR A 250 -1.22 -3.21 -16.00
C TYR A 250 -1.10 -4.52 -16.79
N THR A 251 -2.04 -4.74 -17.71
CA THR A 251 -1.99 -5.96 -18.55
C THR A 251 -1.21 -5.70 -19.83
N LEU A 252 -0.11 -6.44 -20.01
CA LEU A 252 0.75 -6.27 -21.18
C LEU A 252 0.22 -7.09 -22.38
N SER A 253 0.60 -6.70 -23.60
CA SER A 253 0.05 -7.31 -24.81
C SER A 253 0.36 -8.80 -24.92
N SER A 254 1.44 -9.25 -24.28
CA SER A 254 1.79 -10.67 -24.31
C SER A 254 0.86 -11.48 -23.41
N GLY A 255 0.10 -10.79 -22.57
CA GLY A 255 -0.77 -11.46 -21.60
C GLY A 255 -0.19 -11.45 -20.20
N ARG A 256 1.09 -11.14 -20.11
CA ARG A 256 1.73 -10.93 -18.80
C ARG A 256 1.06 -9.76 -18.08
N VAL A 257 0.79 -9.94 -16.79
CA VAL A 257 0.25 -8.86 -15.98
C VAL A 257 1.35 -8.34 -15.07
N LEU A 258 1.59 -7.03 -15.12
CA LEU A 258 2.69 -6.42 -14.39
C LEU A 258 2.15 -5.57 -13.26
N SER A 259 2.85 -5.58 -12.12
CA SER A 259 2.46 -4.75 -10.98
C SER A 259 3.67 -4.00 -10.46
N SER A 260 3.46 -2.77 -10.02
CA SER A 260 4.50 -2.02 -9.34
C SER A 260 3.95 -1.51 -8.01
N ILE A 261 4.86 -1.06 -7.15
CA ILE A 261 4.47 -0.70 -5.80
C ILE A 261 5.60 0.06 -5.13
N ASP A 262 5.24 0.85 -4.12
CA ASP A 262 6.23 1.44 -3.21
C ASP A 262 6.66 0.36 -2.23
N ALA A 263 7.93 -0.01 -2.26
CA ALA A 263 8.48 -0.84 -1.20
C ALA A 263 8.98 0.10 -0.09
N ARG A 264 8.22 0.21 0.99
CA ARG A 264 8.48 1.20 2.03
C ARG A 264 9.14 0.61 3.27
N TYR A 265 10.33 1.11 3.58
CA TYR A 265 11.17 0.52 4.61
C TYR A 265 10.94 1.12 6.00
N GLY A 266 10.80 2.45 6.06
CA GLY A 266 10.64 3.14 7.34
C GLY A 266 9.18 3.28 7.74
N GLY A 267 8.54 2.13 7.96
CA GLY A 267 7.10 2.12 8.17
C GLY A 267 6.38 2.51 6.89
N THR A 268 5.10 2.86 7.02
CA THR A 268 4.27 3.21 5.87
C THR A 268 4.27 4.69 5.53
N HIS A 269 5.12 5.47 6.21
CA HIS A 269 5.20 6.93 5.98
C HIS A 269 5.52 7.28 4.51
N ASP A 270 4.90 8.33 3.97
CA ASP A 270 5.35 8.90 2.69
C ASP A 270 6.77 9.42 2.88
N SER A 271 7.49 9.65 1.77
CA SER A 271 8.75 10.39 1.83
C SER A 271 8.57 11.70 2.63
N LYS A 272 9.58 12.15 3.38
CA LYS A 272 10.93 11.55 3.47
C LYS A 272 10.94 10.18 4.14
N SER A 273 11.68 9.24 3.57
CA SER A 273 11.78 7.88 4.11
C SER A 273 12.83 7.15 3.30
N LYS A 274 12.92 5.84 3.46
CA LYS A 274 13.56 5.01 2.44
C LYS A 274 12.44 4.25 1.78
N ILE A 275 12.34 4.43 0.47
CA ILE A 275 11.34 3.73 -0.35
C ILE A 275 11.98 3.44 -1.70
N ASN A 276 11.79 2.21 -2.18
CA ASN A 276 12.18 1.81 -3.51
C ASN A 276 10.92 1.47 -4.30
N ILE A 277 11.04 1.42 -5.63
CA ILE A 277 9.92 0.93 -6.46
C ILE A 277 10.20 -0.51 -6.88
N ALA A 278 9.28 -1.42 -6.55
CA ALA A 278 9.47 -2.83 -6.87
C ALA A 278 8.39 -3.29 -7.86
N THR A 279 8.69 -4.36 -8.61
CA THR A 279 7.71 -4.90 -9.56
C THR A 279 7.67 -6.42 -9.49
N SER A 280 6.55 -6.98 -9.93
CA SER A 280 6.34 -8.42 -9.99
C SER A 280 5.38 -8.63 -11.15
N TYR A 281 5.45 -9.80 -11.78
CA TYR A 281 4.52 -10.07 -12.88
C TYR A 281 3.91 -11.44 -12.75
N SER A 282 2.79 -11.65 -13.44
CA SER A 282 2.11 -12.93 -13.48
C SER A 282 1.88 -13.35 -14.92
N ASP A 283 2.19 -14.60 -15.23
CA ASP A 283 2.03 -15.10 -16.59
C ASP A 283 0.84 -16.03 -16.71
N ASP A 284 0.12 -16.22 -15.61
CA ASP A 284 -1.01 -17.15 -15.59
C ASP A 284 -2.28 -16.47 -15.06
N ASN A 285 -2.58 -15.28 -15.59
CA ASN A 285 -3.80 -14.54 -15.25
C ASN A 285 -3.94 -14.19 -13.76
N GLY A 286 -2.81 -13.98 -13.09
CA GLY A 286 -2.83 -13.55 -11.71
C GLY A 286 -2.79 -14.67 -10.67
N LYS A 287 -2.74 -15.93 -11.12
CA LYS A 287 -2.70 -17.05 -10.18
C LYS A 287 -1.41 -17.08 -9.37
N THR A 288 -0.28 -16.84 -10.02
CA THR A 288 1.01 -16.80 -9.35
C THR A 288 1.83 -15.61 -9.83
N TRP A 289 2.78 -15.18 -9.01
CA TRP A 289 3.49 -13.93 -9.22
C TRP A 289 4.98 -14.14 -9.03
N SER A 290 5.80 -13.43 -9.80
CA SER A 290 7.25 -13.56 -9.73
C SER A 290 7.80 -12.97 -8.43
N GLU A 291 8.95 -13.45 -7.98
CA GLU A 291 9.64 -12.78 -6.86
C GLU A 291 9.96 -11.36 -7.31
N PRO A 292 9.67 -10.37 -6.45
CA PRO A 292 9.86 -8.99 -6.89
C PRO A 292 11.31 -8.62 -7.24
N ILE A 293 11.46 -7.68 -8.16
CA ILE A 293 12.74 -7.04 -8.43
C ILE A 293 12.53 -5.55 -8.29
N PHE A 294 13.62 -4.80 -8.28
CA PHE A 294 13.49 -3.34 -8.23
C PHE A 294 13.46 -2.69 -9.60
N ALA A 295 12.53 -1.75 -9.78
CA ALA A 295 12.54 -0.87 -10.96
C ALA A 295 13.37 0.38 -10.71
N MET A 296 13.30 0.90 -9.48
CA MET A 296 14.05 2.08 -9.09
C MET A 296 14.50 1.92 -7.65
N LYS A 297 15.79 2.08 -7.41
CA LYS A 297 16.30 1.88 -6.05
C LYS A 297 17.46 2.81 -5.75
N PHE A 298 17.61 3.19 -4.48
CA PHE A 298 18.79 3.91 -4.04
C PHE A 298 19.50 3.02 -3.02
N ASN A 299 20.80 3.23 -2.82
CA ASN A 299 21.54 2.38 -1.89
C ASN A 299 22.24 3.15 -0.77
N ASP A 300 21.87 4.41 -0.58
CA ASP A 300 22.46 5.20 0.50
C ASP A 300 22.10 4.63 1.88
N TYR A 301 20.94 4.00 1.98
CA TYR A 301 20.54 3.30 3.20
C TYR A 301 20.34 1.82 2.88
N GLU A 302 20.63 0.95 3.84
CA GLU A 302 20.43 -0.49 3.69
C GLU A 302 18.96 -0.84 3.46
N GLU A 303 18.70 -1.86 2.63
CA GLU A 303 17.37 -2.43 2.57
C GLU A 303 17.11 -3.30 3.82
N GLN A 304 16.44 -2.72 4.81
CA GLN A 304 16.23 -3.40 6.08
C GLN A 304 14.77 -3.72 6.36
N LEU A 305 14.50 -4.96 6.73
CA LEU A 305 13.17 -5.34 7.19
CA LEU A 305 13.18 -5.35 7.18
C LEU A 305 13.08 -4.93 8.65
N VAL A 306 12.31 -3.88 8.94
CA VAL A 306 12.23 -3.34 10.28
C VAL A 306 10.80 -3.35 10.83
N TYR A 307 10.63 -3.73 12.08
CA TYR A 307 9.32 -3.60 12.71
C TYR A 307 9.18 -2.19 13.26
N TRP A 308 8.50 -1.34 12.50
CA TRP A 308 8.37 0.07 12.88
C TRP A 308 7.42 0.24 14.07
N PRO A 309 7.82 1.01 15.09
CA PRO A 309 6.98 1.14 16.29
C PRO A 309 5.61 1.75 15.99
N ARG A 310 4.58 1.26 16.68
CA ARG A 310 3.21 1.71 16.47
C ARG A 310 2.66 2.43 17.70
N ASP A 311 3.47 2.61 18.72
CA ASP A 311 3.02 3.35 19.90
C ASP A 311 3.00 4.84 19.58
N ASN A 312 2.20 5.60 20.32
CA ASN A 312 2.02 7.00 20.03
C ASN A 312 3.27 7.86 20.16
N LYS A 313 4.20 7.42 21.00
CA LYS A 313 5.42 8.18 21.20
C LYS A 313 6.40 8.08 20.04
N LEU A 314 6.47 6.91 19.42
CA LEU A 314 7.48 6.65 18.38
C LEU A 314 6.95 6.44 16.96
N LYS A 315 5.64 6.27 16.79
CA LYS A 315 5.13 5.90 15.47
C LYS A 315 5.42 6.92 14.38
N ASN A 316 5.62 8.18 14.76
CA ASN A 316 6.01 9.17 13.76
C ASN A 316 7.50 9.28 13.51
N SER A 317 8.27 8.34 14.07
CA SER A 317 9.67 8.20 13.68
C SER A 317 9.74 8.02 12.16
N GLN A 318 10.66 8.73 11.53
CA GLN A 318 10.72 8.79 10.09
C GLN A 318 12.17 8.80 9.68
N ILE A 319 12.55 7.93 8.75
CA ILE A 319 13.90 7.95 8.20
C ILE A 319 14.12 9.30 7.51
N SER A 320 15.14 10.02 7.95
CA SER A 320 15.25 11.43 7.63
C SER A 320 16.45 11.80 6.76
N GLY A 321 17.31 10.83 6.51
CA GLY A 321 18.50 11.08 5.71
C GLY A 321 18.63 10.28 4.42
N SER A 322 17.60 9.52 4.05
CA SER A 322 17.65 8.66 2.86
C SER A 322 17.00 9.32 1.65
N ALA A 323 17.52 9.00 0.47
CA ALA A 323 16.84 9.34 -0.77
C ALA A 323 15.73 8.32 -0.97
N SER A 324 14.74 8.65 -1.79
CA SER A 324 13.63 7.72 -2.02
C SER A 324 12.94 7.94 -3.37
N PHE A 325 12.13 6.96 -3.75
CA PHE A 325 11.18 7.06 -4.86
C PHE A 325 9.79 6.93 -4.26
N ILE A 326 8.78 7.48 -4.92
CA ILE A 326 7.43 7.38 -4.36
C ILE A 326 6.40 7.58 -5.45
N ASP A 327 5.38 6.73 -5.44
CA ASP A 327 4.30 6.74 -6.43
C ASP A 327 4.82 6.36 -7.81
N SER A 328 4.39 5.21 -8.32
CA SER A 328 4.80 4.80 -9.64
C SER A 328 3.59 4.65 -10.54
N SER A 329 3.85 4.64 -11.86
CA SER A 329 2.81 4.46 -12.87
CA SER A 329 2.81 4.35 -12.83
C SER A 329 3.43 3.71 -14.04
N ILE A 330 2.66 2.83 -14.70
CA ILE A 330 3.15 1.98 -15.79
C ILE A 330 2.36 2.18 -17.07
N VAL A 331 3.04 2.12 -18.21
CA VAL A 331 2.34 2.01 -19.50
C VAL A 331 3.13 1.10 -20.44
N GLU A 332 2.46 0.54 -21.45
CA GLU A 332 3.16 -0.22 -22.48
C GLU A 332 3.07 0.50 -23.81
N ASP A 333 4.18 0.52 -24.55
CA ASP A 333 4.25 1.17 -25.86
C ASP A 333 4.18 0.15 -26.98
N LYS A 334 3.14 0.24 -27.81
CA LYS A 334 2.90 -0.69 -28.91
C LYS A 334 4.05 -0.70 -29.90
N LYS A 335 4.54 0.50 -30.22
CA LYS A 335 5.54 0.67 -31.26
C LYS A 335 6.82 -0.08 -30.93
N SER A 336 7.45 0.31 -29.83
CA SER A 336 8.76 -0.24 -29.47
C SER A 336 8.62 -1.57 -28.75
N GLY A 337 7.47 -1.79 -28.11
CA GLY A 337 7.28 -2.99 -27.29
C GLY A 337 7.73 -2.81 -25.86
N LYS A 338 8.37 -1.68 -25.58
CA LYS A 338 8.91 -1.40 -24.25
C LYS A 338 7.82 -1.18 -23.21
N THR A 339 8.14 -1.51 -21.96
CA THR A 339 7.31 -1.13 -20.82
C THR A 339 7.99 0.10 -20.21
N ILE A 340 7.18 1.11 -19.88
CA ILE A 340 7.70 2.36 -19.32
C ILE A 340 7.13 2.55 -17.93
N LEU A 341 7.99 2.87 -16.96
CA LEU A 341 7.56 3.11 -15.60
C LEU A 341 8.13 4.46 -15.15
N LEU A 342 7.24 5.31 -14.64
CA LEU A 342 7.60 6.58 -14.04
C LEU A 342 7.40 6.51 -12.53
N ALA A 343 8.17 7.30 -11.78
CA ALA A 343 7.97 7.44 -10.33
C ALA A 343 8.50 8.81 -9.91
N ASP A 344 8.01 9.35 -8.81
CA ASP A 344 8.63 10.56 -8.25
C ASP A 344 9.97 10.17 -7.59
N VAL A 345 10.93 11.09 -7.62
CA VAL A 345 12.23 10.89 -6.97
C VAL A 345 12.47 11.97 -5.94
N MET A 346 12.88 11.54 -4.75
CA MET A 346 13.18 12.47 -3.65
C MET A 346 14.64 12.32 -3.22
N PRO A 347 15.38 13.44 -3.23
CA PRO A 347 16.75 13.41 -2.70
C PRO A 347 16.70 13.18 -1.20
N ALA A 348 17.86 12.95 -0.60
CA ALA A 348 17.96 12.59 0.81
C ALA A 348 17.24 13.56 1.73
N GLY A 349 16.39 13.02 2.62
CA GLY A 349 15.67 13.81 3.58
C GLY A 349 14.50 14.60 3.02
N ILE A 350 14.18 14.40 1.75
CA ILE A 350 13.15 15.22 1.10
C ILE A 350 11.86 14.46 0.84
N GLY A 351 10.75 15.15 1.04
CA GLY A 351 9.43 14.67 0.67
C GLY A 351 8.68 15.86 0.08
N ASN A 352 7.43 15.66 -0.32
CA ASN A 352 6.66 16.75 -0.91
C ASN A 352 6.50 17.94 0.04
N ASN A 353 6.43 17.67 1.34
CA ASN A 353 6.23 18.73 2.33
CA ASN A 353 6.22 18.72 2.33
C ASN A 353 7.39 19.72 2.44
N ASN A 354 8.61 19.20 2.50
CA ASN A 354 9.78 20.10 2.64
C ASN A 354 10.53 20.34 1.33
N ALA A 355 9.94 19.89 0.22
CA ALA A 355 10.55 20.09 -1.09
C ALA A 355 10.48 21.57 -1.47
N ASN A 356 11.55 22.08 -2.07
CA ASN A 356 11.58 23.46 -2.56
C ASN A 356 10.58 23.66 -3.70
N LYS A 357 9.48 24.35 -3.41
CA LYS A 357 8.41 24.53 -4.39
C LYS A 357 8.79 25.54 -5.47
N ALA A 358 9.82 26.35 -5.19
CA ALA A 358 10.18 27.44 -6.09
C ALA A 358 11.29 27.08 -7.07
N ASP A 359 11.65 25.81 -7.14
CA ASP A 359 12.83 25.41 -7.91
C ASP A 359 12.62 24.07 -8.58
N SER A 360 12.82 24.02 -9.90
CA SER A 360 12.73 22.78 -10.66
C SER A 360 13.95 21.88 -10.46
N GLY A 361 15.04 22.48 -9.96
CA GLY A 361 16.29 21.77 -9.82
C GLY A 361 17.09 21.77 -11.11
N PHE A 362 16.57 22.45 -12.13
CA PHE A 362 17.29 22.57 -13.40
C PHE A 362 17.62 24.01 -13.71
N LYS A 363 18.70 24.22 -14.47
CA LYS A 363 19.01 25.55 -14.99
C LYS A 363 18.71 25.56 -16.49
N GLU A 364 18.00 26.59 -16.94
CA GLU A 364 17.67 26.76 -18.35
C GLU A 364 18.81 27.44 -19.10
N ILE A 365 19.23 26.83 -20.20
CA ILE A 365 20.23 27.43 -21.08
C ILE A 365 19.85 27.18 -22.53
N ASN A 366 19.19 28.16 -23.14
CA ASN A 366 18.71 28.09 -24.54
C ASN A 366 17.62 27.05 -24.80
N GLY A 367 16.59 27.03 -23.96
CA GLY A 367 15.52 26.06 -24.13
C GLY A 367 15.95 24.67 -23.72
N HIS A 368 17.20 24.54 -23.30
CA HIS A 368 17.71 23.28 -22.75
C HIS A 368 17.82 23.37 -21.23
N TYR A 369 17.55 22.25 -20.56
CA TYR A 369 17.54 22.21 -19.10
C TYR A 369 18.64 21.28 -18.57
N TYR A 370 19.42 21.80 -17.63
CA TYR A 370 20.50 21.02 -17.02
C TYR A 370 20.34 20.88 -15.52
N LEU A 371 20.53 19.67 -15.02
CA LEU A 371 20.42 19.39 -13.59
C LEU A 371 21.45 20.20 -12.82
N LYS A 372 20.99 20.95 -11.83
CA LYS A 372 21.92 21.75 -11.03
C LYS A 372 22.56 20.89 -9.94
N LEU A 373 23.77 21.27 -9.54
CA LEU A 373 24.48 20.57 -8.47
C LEU A 373 25.14 21.55 -7.50
N LYS A 374 25.18 21.17 -6.23
CA LYS A 374 25.90 21.95 -5.24
C LYS A 374 27.07 21.11 -4.72
N LYS A 375 28.26 21.71 -4.65
CA LYS A 375 29.42 21.00 -4.14
C LYS A 375 29.63 21.24 -2.64
N ASN A 376 30.16 20.22 -1.96
CA ASN A 376 30.53 20.28 -0.55
C ASN A 376 31.26 21.57 -0.20
N GLY A 377 30.66 22.38 0.67
CA GLY A 377 31.28 23.62 1.12
C GLY A 377 30.69 24.89 0.52
N ASP A 378 30.06 24.75 -0.65
CA ASP A 378 29.45 25.89 -1.32
C ASP A 378 28.10 26.20 -0.68
N ASN A 379 27.67 27.45 -0.82
CA ASN A 379 26.37 27.85 -0.31
C ASN A 379 25.32 27.94 -1.42
N ASP A 380 25.77 27.95 -2.66
CA ASP A 380 24.86 28.01 -3.80
C ASP A 380 25.12 26.83 -4.72
N PHE A 381 24.24 26.64 -5.70
CA PHE A 381 24.45 25.62 -6.72
C PHE A 381 25.24 26.24 -7.87
N ARG A 382 26.55 25.98 -7.90
CA ARG A 382 27.40 26.63 -8.89
C ARG A 382 27.79 25.67 -10.01
N TYR A 383 27.12 24.52 -10.07
CA TYR A 383 27.42 23.54 -11.09
C TYR A 383 26.17 23.10 -11.84
N THR A 384 26.38 22.50 -13.01
CA THR A 384 25.32 21.85 -13.77
C THR A 384 25.85 20.56 -14.35
N VAL A 385 24.95 19.67 -14.75
CA VAL A 385 25.30 18.43 -15.41
C VAL A 385 24.92 18.54 -16.89
N ARG A 386 25.91 18.37 -17.77
CA ARG A 386 25.69 18.59 -19.19
C ARG A 386 25.75 17.29 -19.97
N GLU A 387 25.73 17.41 -21.30
CA GLU A 387 25.77 16.24 -22.18
C GLU A 387 26.93 15.31 -21.84
N ASN A 388 26.66 14.02 -21.92
CA ASN A 388 27.60 12.98 -21.53
C ASN A 388 28.00 13.07 -20.06
N GLY A 389 27.15 13.73 -19.27
CA GLY A 389 27.28 13.78 -17.83
C GLY A 389 28.42 14.63 -17.30
N VAL A 390 28.96 15.51 -18.14
CA VAL A 390 30.06 16.37 -17.71
C VAL A 390 29.60 17.38 -16.67
N VAL A 391 30.20 17.30 -15.49
CA VAL A 391 29.94 18.30 -14.46
C VAL A 391 30.64 19.58 -14.84
N TYR A 392 29.88 20.66 -14.90
CA TYR A 392 30.34 21.91 -15.48
C TYR A 392 30.16 23.00 -14.44
N ASN A 393 31.14 23.89 -14.36
CA ASN A 393 31.19 24.93 -13.33
C ASN A 393 30.58 26.22 -13.85
N GLU A 394 29.47 26.65 -13.25
CA GLU A 394 28.74 27.83 -13.74
C GLU A 394 29.44 29.16 -13.47
N THR A 395 30.09 29.26 -12.32
CA THR A 395 30.74 30.49 -11.89
C THR A 395 31.81 30.94 -12.90
N THR A 396 32.49 29.96 -13.48
CA THR A 396 33.62 30.20 -14.35
C THR A 396 33.44 29.47 -15.67
N ASN A 397 32.20 29.05 -15.93
CA ASN A 397 31.80 28.45 -17.20
C ASN A 397 32.79 27.45 -17.82
N LYS A 398 33.10 26.39 -17.08
CA LYS A 398 34.13 25.44 -17.48
C LYS A 398 33.86 24.03 -16.95
N PRO A 399 34.26 23.00 -17.72
CA PRO A 399 34.03 21.62 -17.27
C PRO A 399 35.02 21.20 -16.19
N THR A 400 34.56 20.41 -15.23
CA THR A 400 35.40 19.92 -14.15
C THR A 400 36.00 18.58 -14.52
N ASN A 401 36.77 18.02 -13.60
CA ASN A 401 37.22 16.64 -13.76
C ASN A 401 36.15 15.64 -13.30
N TYR A 402 34.98 16.15 -12.90
CA TYR A 402 33.89 15.28 -12.45
C TYR A 402 32.86 15.00 -13.54
N THR A 403 32.37 13.77 -13.57
CA THR A 403 31.25 13.40 -14.44
C THR A 403 30.17 12.63 -13.68
N ILE A 404 28.95 12.67 -14.21
CA ILE A 404 27.85 11.90 -13.65
C ILE A 404 27.55 10.73 -14.59
N ASN A 405 27.64 9.50 -14.09
CA ASN A 405 27.33 8.37 -14.97
C ASN A 405 25.82 8.17 -15.17
N ASP A 406 25.45 7.03 -15.74
CA ASP A 406 24.05 6.76 -16.05
CA ASP A 406 24.06 6.75 -16.05
C ASP A 406 23.22 6.47 -14.80
N LYS A 407 23.88 6.07 -13.72
CA LYS A 407 23.16 5.80 -12.49
C LYS A 407 23.17 7.01 -11.54
N TYR A 408 23.42 8.19 -12.10
CA TYR A 408 23.53 9.44 -11.33
C TYR A 408 24.59 9.35 -10.25
N GLU A 409 25.61 8.56 -10.53
CA GLU A 409 26.75 8.40 -9.64
C GLU A 409 27.89 9.33 -10.04
N VAL A 410 28.65 9.78 -9.04
CA VAL A 410 29.71 10.75 -9.24
C VAL A 410 31.01 10.05 -9.56
N LEU A 411 31.65 10.49 -10.65
CA LEU A 411 32.97 9.98 -11.04
C LEU A 411 33.96 11.13 -10.98
N GLU A 412 35.17 10.86 -10.50
CA GLU A 412 36.26 11.82 -10.62
C GLU A 412 37.36 11.24 -11.50
N GLY A 413 37.60 11.87 -12.65
CA GLY A 413 38.57 11.37 -13.61
C GLY A 413 38.25 9.96 -14.06
N GLY A 414 36.97 9.62 -14.09
CA GLY A 414 36.54 8.31 -14.52
C GLY A 414 36.52 7.26 -13.43
N LYS A 415 36.92 7.67 -12.23
CA LYS A 415 36.92 6.76 -11.08
C LYS A 415 35.70 6.97 -10.17
N SER A 416 35.05 5.87 -9.82
CA SER A 416 33.86 5.88 -8.98
C SER A 416 34.14 6.33 -7.56
N LEU A 417 33.54 7.44 -7.17
CA LEU A 417 33.58 7.83 -5.76
C LEU A 417 32.52 7.04 -5.00
N THR A 418 32.72 6.86 -3.69
CA THR A 418 31.80 6.10 -2.84
C THR A 418 31.40 6.87 -1.59
N VAL A 419 30.32 6.43 -0.96
CA VAL A 419 29.93 6.95 0.35
C VAL A 419 29.66 5.77 1.25
N GLU A 420 29.65 6.00 2.55
CA GLU A 420 29.36 4.93 3.50
C GLU A 420 27.84 4.84 3.68
N GLN A 421 27.31 3.62 3.57
CA GLN A 421 25.89 3.37 3.70
C GLN A 421 25.40 3.54 5.15
N TYR A 422 24.11 3.89 5.30
CA TYR A 422 23.49 3.97 6.61
C TYR A 422 22.57 2.77 6.87
N SER A 423 22.41 2.43 8.14
CA SER A 423 21.38 1.49 8.58
C SER A 423 20.60 2.17 9.69
N VAL A 424 19.37 1.73 9.93
CA VAL A 424 18.57 2.33 10.99
C VAL A 424 18.26 1.31 12.11
N ASP A 425 18.10 1.79 13.33
CA ASP A 425 17.72 0.93 14.44
C ASP A 425 17.04 1.71 15.53
N PHE A 426 16.28 1.02 16.37
CA PHE A 426 15.63 1.64 17.52
C PHE A 426 16.21 1.11 18.85
N ASP A 427 17.43 0.60 18.82
CA ASP A 427 18.03 0.00 20.01
C ASP A 427 18.15 0.95 21.20
N SER A 428 18.38 2.23 20.90
CA SER A 428 18.57 3.24 21.94
C SER A 428 17.24 3.68 22.55
N GLY A 429 16.14 3.24 21.96
CA GLY A 429 14.82 3.66 22.41
C GLY A 429 14.22 4.73 21.51
N SER A 430 15.01 5.19 20.55
CA SER A 430 14.50 6.11 19.54
C SER A 430 15.21 5.81 18.21
N LEU A 431 14.73 6.41 17.12
CA LEU A 431 15.31 6.10 15.81
C LEU A 431 16.74 6.66 15.68
N ARG A 432 17.67 5.81 15.30
CA ARG A 432 19.02 6.25 14.98
C ARG A 432 19.38 5.84 13.56
N GLU A 433 20.04 6.74 12.85
CA GLU A 433 20.49 6.45 11.50
C GLU A 433 22.00 6.56 11.51
N ARG A 434 22.69 5.45 11.25
CA ARG A 434 24.15 5.50 11.35
C ARG A 434 24.89 4.65 10.34
N HIS A 435 26.10 5.11 10.04
CA HIS A 435 26.98 4.43 9.10
C HIS A 435 27.19 2.96 9.46
N ASN A 436 27.19 2.10 8.45
CA ASN A 436 27.26 0.66 8.72
C ASN A 436 28.53 -0.04 8.24
N GLY A 437 29.49 0.74 7.75
CA GLY A 437 30.78 0.19 7.33
C GLY A 437 30.86 -0.23 5.87
N LYS A 438 29.72 -0.21 5.18
CA LYS A 438 29.69 -0.61 3.77
C LYS A 438 29.78 0.60 2.82
N GLN A 439 30.63 0.49 1.80
CA GLN A 439 30.76 1.54 0.79
C GLN A 439 29.87 1.26 -0.41
N VAL A 440 29.24 2.32 -0.93
CA VAL A 440 28.36 2.21 -2.09
C VAL A 440 28.65 3.39 -2.98
N PRO A 441 28.32 3.28 -4.29
CA PRO A 441 28.63 4.36 -5.22
C PRO A 441 28.02 5.68 -4.78
N MET A 442 28.77 6.76 -4.93
CA MET A 442 28.29 8.09 -4.54
C MET A 442 27.30 8.63 -5.57
N ASN A 443 26.07 8.86 -5.13
CA ASN A 443 24.98 9.29 -6.00
C ASN A 443 24.58 10.73 -5.65
N VAL A 444 24.26 11.57 -6.65
CA VAL A 444 23.94 12.98 -6.37
C VAL A 444 22.64 13.19 -5.59
N PHE A 445 21.89 12.12 -5.37
CA PHE A 445 20.66 12.21 -4.60
C PHE A 445 20.91 11.88 -3.13
N TYR A 446 22.16 11.59 -2.79
CA TYR A 446 22.52 11.14 -1.44
C TYR A 446 22.90 12.29 -0.50
N LYS A 447 22.69 12.08 0.80
CA LYS A 447 23.11 13.05 1.81
C LYS A 447 24.62 13.25 1.86
N ASP A 448 25.39 12.17 1.73
CA ASP A 448 26.85 12.25 1.90
C ASP A 448 27.60 12.55 0.60
N SER A 449 26.87 12.88 -0.46
CA SER A 449 27.50 13.09 -1.76
C SER A 449 28.31 14.38 -1.85
N LEU A 450 29.37 14.34 -2.65
CA LEU A 450 30.21 15.51 -2.93
C LEU A 450 29.41 16.57 -3.67
N PHE A 451 28.60 16.11 -4.62
CA PHE A 451 27.68 16.98 -5.36
C PHE A 451 26.24 16.57 -5.10
N LYS A 452 25.40 17.55 -4.74
CA LYS A 452 24.02 17.27 -4.38
C LYS A 452 23.06 17.98 -5.31
N VAL A 453 21.93 17.32 -5.61
CA VAL A 453 20.88 17.99 -6.38
C VAL A 453 20.08 18.92 -5.51
N THR A 454 19.24 19.73 -6.13
CA THR A 454 18.35 20.63 -5.43
C THR A 454 17.38 19.81 -4.57
N PRO A 455 17.20 20.19 -3.29
CA PRO A 455 16.25 19.47 -2.43
C PRO A 455 14.80 19.72 -2.82
N THR A 456 14.36 19.09 -3.91
CA THR A 456 12.99 19.22 -4.40
C THR A 456 12.56 17.89 -5.01
N ASN A 457 11.33 17.79 -5.49
CA ASN A 457 10.84 16.54 -6.09
C ASN A 457 11.03 16.55 -7.59
N TYR A 458 11.33 15.37 -8.14
CA TYR A 458 11.57 15.17 -9.57
C TYR A 458 10.67 14.04 -10.05
N ILE A 459 10.58 13.88 -11.37
CA ILE A 459 9.95 12.68 -11.93
C ILE A 459 11.03 11.97 -12.73
N ALA A 460 11.11 10.65 -12.60
CA ALA A 460 12.06 9.86 -13.37
C ALA A 460 11.33 8.81 -14.18
N MET A 461 12.00 8.30 -15.20
CA MET A 461 11.46 7.28 -16.08
C MET A 461 12.44 6.12 -16.15
N THR A 462 11.94 4.89 -16.18
CA THR A 462 12.78 3.75 -16.56
C THR A 462 12.01 2.92 -17.59
N THR A 463 12.71 2.04 -18.30
CA THR A 463 12.05 1.20 -19.28
C THR A 463 12.50 -0.25 -19.09
N SER A 464 11.65 -1.16 -19.54
CA SER A 464 12.05 -2.57 -19.62
C SER A 464 11.81 -3.09 -21.03
N GLN A 465 12.76 -3.86 -21.56
CA GLN A 465 12.52 -4.50 -22.87
C GLN A 465 12.24 -5.99 -22.81
N ASN A 466 12.06 -6.50 -21.60
CA ASN A 466 11.72 -7.90 -21.38
C ASN A 466 10.51 -8.02 -20.46
N ARG A 467 9.61 -7.05 -20.56
CA ARG A 467 8.33 -7.07 -19.85
C ARG A 467 8.48 -7.25 -18.34
N GLY A 468 9.41 -6.50 -17.73
CA GLY A 468 9.53 -6.48 -16.29
C GLY A 468 10.51 -7.47 -15.68
N GLU A 469 11.30 -8.14 -16.50
CA GLU A 469 12.34 -9.03 -16.00
C GLU A 469 13.57 -8.24 -15.54
N SER A 470 13.76 -7.07 -16.14
CA SER A 470 14.81 -6.15 -15.72
C SER A 470 14.43 -4.74 -16.15
N TRP A 471 14.94 -3.75 -15.41
CA TRP A 471 14.67 -2.35 -15.72
C TRP A 471 15.98 -1.61 -15.93
N GLU A 472 15.96 -0.68 -16.88
CA GLU A 472 17.10 0.18 -17.14
C GLU A 472 17.35 1.10 -15.97
N GLN A 473 18.47 1.81 -16.03
CA GLN A 473 18.74 2.86 -15.06
C GLN A 473 17.78 4.01 -15.36
N PHE A 474 17.25 4.64 -14.31
CA PHE A 474 16.23 5.67 -14.51
C PHE A 474 16.82 6.95 -15.09
N LYS A 475 16.00 7.71 -15.80
CA LYS A 475 16.39 9.05 -16.26
C LYS A 475 15.42 10.09 -15.74
N LEU A 476 15.94 11.23 -15.32
CA LEU A 476 15.08 12.32 -14.91
C LEU A 476 14.36 12.91 -16.13
N LEU A 477 13.06 13.18 -15.97
CA LEU A 477 12.31 13.95 -16.94
C LEU A 477 12.66 15.43 -16.78
N PRO A 478 12.58 16.20 -17.87
CA PRO A 478 12.84 17.64 -17.80
C PRO A 478 11.71 18.37 -17.07
N PRO A 479 11.95 19.63 -16.65
CA PRO A 479 10.85 20.37 -16.04
C PRO A 479 9.84 20.74 -17.13
N PHE A 480 8.55 20.83 -16.79
CA PHE A 480 7.55 21.15 -17.80
C PHE A 480 6.89 22.50 -17.60
N LEU A 481 7.05 23.07 -16.41
CA LEU A 481 6.40 24.32 -16.05
C LEU A 481 7.41 25.43 -15.69
N GLY A 482 8.60 25.35 -16.27
CA GLY A 482 9.61 26.38 -16.05
C GLY A 482 10.71 25.96 -15.09
N GLU A 483 11.80 26.71 -15.05
CA GLU A 483 12.92 26.35 -14.20
C GLU A 483 12.67 26.68 -12.72
N LYS A 484 11.70 27.55 -12.47
CA LYS A 484 11.41 27.97 -11.10
C LYS A 484 10.11 27.38 -10.57
N HIS A 485 9.77 26.19 -11.04
CA HIS A 485 8.56 25.48 -10.58
C HIS A 485 9.00 24.07 -10.18
N ASN A 486 8.66 23.63 -8.97
CA ASN A 486 9.03 22.29 -8.57
C ASN A 486 8.34 21.27 -9.48
N GLY A 487 8.78 20.01 -9.44
CA GLY A 487 8.22 19.00 -10.31
C GLY A 487 6.74 18.77 -10.01
N THR A 488 5.97 18.44 -11.04
CA THR A 488 4.59 18.04 -10.82
C THR A 488 4.61 16.68 -10.14
N TYR A 489 3.47 16.28 -9.58
CA TYR A 489 3.37 15.03 -8.84
C TYR A 489 2.72 13.94 -9.70
N LEU A 490 3.44 12.84 -9.89
CA LEU A 490 2.95 11.73 -10.70
C LEU A 490 1.66 11.15 -10.14
N CYS A 491 0.72 10.84 -11.02
CA CYS A 491 -0.50 10.14 -10.59
C CYS A 491 -0.22 8.65 -10.61
N PRO A 492 -0.26 8.00 -9.44
CA PRO A 492 0.06 6.57 -9.42
C PRO A 492 -0.99 5.70 -10.10
N GLY A 493 -0.54 4.61 -10.70
CA GLY A 493 -1.45 3.70 -11.36
C GLY A 493 -0.97 3.35 -12.75
N GLN A 494 -1.81 3.63 -13.73
CA GLN A 494 -1.47 3.38 -15.12
C GLN A 494 -1.30 4.68 -15.88
N GLY A 495 -0.40 4.68 -16.84
CA GLY A 495 -0.42 5.71 -17.87
C GLY A 495 -1.40 5.21 -18.92
N LEU A 496 -1.60 5.95 -20.00
CA LEU A 496 -2.58 5.54 -21.01
C LEU A 496 -1.92 5.39 -22.36
N ALA A 497 -2.15 4.23 -22.98
CA ALA A 497 -1.67 3.96 -24.33
C ALA A 497 -2.88 4.03 -25.25
N LEU A 498 -2.96 5.09 -26.04
CA LEU A 498 -4.10 5.26 -26.94
C LEU A 498 -4.13 4.10 -27.95
N LYS A 499 -5.33 3.57 -28.18
CA LYS A 499 -5.49 2.33 -28.96
C LYS A 499 -5.22 2.51 -30.46
N SER A 500 -5.50 3.70 -30.98
CA SER A 500 -5.44 3.90 -32.44
C SER A 500 -4.23 4.72 -32.88
N SER A 501 -3.29 4.95 -31.97
CA SER A 501 -2.08 5.69 -32.30
C SER A 501 -0.91 5.24 -31.43
N ASN A 502 0.21 5.92 -31.57
CA ASN A 502 1.38 5.65 -30.75
C ASN A 502 1.44 6.51 -29.48
N ARG A 503 0.42 7.32 -29.29
CA ARG A 503 0.42 8.27 -28.17
C ARG A 503 0.45 7.60 -26.79
N LEU A 504 1.36 8.08 -25.94
CA LEU A 504 1.44 7.67 -24.54
C LEU A 504 1.20 8.88 -23.65
N ILE A 505 0.35 8.72 -22.63
CA ILE A 505 0.07 9.79 -21.68
C ILE A 505 0.22 9.34 -20.24
N PHE A 506 0.92 10.14 -19.43
CA PHE A 506 0.96 9.95 -18.00
C PHE A 506 0.38 11.18 -17.33
N ALA A 507 -0.62 10.99 -16.49
CA ALA A 507 -1.21 12.11 -15.76
C ALA A 507 -0.32 12.49 -14.60
N THR A 508 -0.15 13.80 -14.41
CA THR A 508 0.46 14.32 -13.19
C THR A 508 -0.40 15.48 -12.70
N TYR A 509 -0.08 16.02 -11.53
CA TYR A 509 -0.82 17.20 -11.05
C TYR A 509 0.07 18.17 -10.29
N THR A 510 -0.45 19.37 -10.11
CA THR A 510 0.21 20.35 -9.29
C THR A 510 -0.84 21.37 -8.91
N SER A 511 -0.44 22.48 -8.32
CA SER A 511 -1.42 23.47 -7.91
C SER A 511 -2.19 24.02 -9.12
N GLY A 512 -3.51 23.95 -9.04
CA GLY A 512 -4.38 24.52 -10.06
C GLY A 512 -4.62 23.75 -11.33
N GLU A 513 -3.98 22.59 -11.52
CA GLU A 513 -4.16 21.86 -12.77
C GLU A 513 -3.76 20.39 -12.73
N LEU A 514 -4.28 19.63 -13.70
CA LEU A 514 -3.69 18.35 -14.07
C LEU A 514 -2.69 18.69 -15.15
N THR A 515 -1.52 18.06 -15.11
CA THR A 515 -0.51 18.26 -16.13
C THR A 515 -0.24 16.91 -16.79
N TYR A 516 -0.86 16.70 -17.95
CA TYR A 516 -0.66 15.46 -18.69
C TYR A 516 0.67 15.50 -19.41
N LEU A 517 1.43 14.42 -19.30
CA LEU A 517 2.70 14.30 -20.00
C LEU A 517 2.47 13.40 -21.21
N ILE A 518 2.79 13.91 -22.39
CA ILE A 518 2.44 13.25 -23.64
C ILE A 518 3.66 12.93 -24.48
N SER A 519 3.77 11.66 -24.91
CA SER A 519 4.84 11.25 -25.82
C SER A 519 4.25 10.52 -27.02
N ASP A 520 4.75 10.86 -28.20
CA ASP A 520 4.37 10.17 -29.43
C ASP A 520 5.55 9.38 -30.00
N ASP A 521 6.64 9.32 -29.26
CA ASP A 521 7.86 8.67 -29.76
C ASP A 521 8.46 7.69 -28.75
N SER A 522 7.60 6.83 -28.20
CA SER A 522 8.01 5.78 -27.29
C SER A 522 8.68 6.33 -26.04
N GLY A 523 8.24 7.49 -25.58
CA GLY A 523 8.78 8.07 -24.37
C GLY A 523 10.16 8.71 -24.48
N GLN A 524 10.64 8.93 -25.70
CA GLN A 524 11.91 9.64 -25.86
C GLN A 524 11.79 11.15 -25.59
N THR A 525 10.70 11.73 -26.06
CA THR A 525 10.42 13.13 -25.78
C THR A 525 9.02 13.27 -25.20
N TRP A 526 8.86 14.20 -24.27
CA TRP A 526 7.58 14.44 -23.65
C TRP A 526 7.21 15.90 -23.81
N LYS A 527 5.90 16.17 -23.88
CA LYS A 527 5.40 17.52 -23.79
C LYS A 527 4.27 17.52 -22.79
N LYS A 528 3.90 18.70 -22.27
CA LYS A 528 2.79 18.73 -21.33
C LYS A 528 1.53 19.26 -21.97
N SER A 529 0.40 18.87 -21.40
CA SER A 529 -0.88 19.47 -21.73
C SER A 529 -1.55 19.79 -20.41
N SER A 530 -1.66 21.08 -20.13
CA SER A 530 -2.23 21.56 -18.89
C SER A 530 -3.74 21.66 -18.95
N ALA A 531 -4.39 21.18 -17.90
CA ALA A 531 -5.84 21.25 -17.78
C ALA A 531 -6.22 21.83 -16.44
N SER A 532 -6.72 23.07 -16.46
CA SER A 532 -7.12 23.75 -15.23
CA SER A 532 -7.15 23.76 -15.26
C SER A 532 -8.17 22.97 -14.44
N ILE A 533 -7.99 22.96 -13.12
CA ILE A 533 -8.97 22.38 -12.23
C ILE A 533 -9.24 23.43 -11.15
N PRO A 534 -10.47 23.46 -10.62
CA PRO A 534 -10.83 24.54 -9.68
C PRO A 534 -10.35 24.26 -8.26
N PHE A 535 -9.09 23.89 -8.12
CA PHE A 535 -8.54 23.58 -6.82
C PHE A 535 -7.15 24.15 -6.68
N LYS A 536 -6.90 24.78 -5.54
CA LYS A 536 -5.53 25.05 -5.13
C LYS A 536 -5.12 23.92 -4.21
N ASN A 537 -3.91 23.42 -4.43
CA ASN A 537 -3.32 22.39 -3.58
C ASN A 537 -4.17 21.14 -3.32
N ALA A 538 -4.87 20.64 -4.34
CA ALA A 538 -5.53 19.35 -4.22
C ALA A 538 -4.49 18.28 -4.47
N THR A 539 -4.67 17.12 -3.85
CA THR A 539 -3.91 15.93 -4.18
C THR A 539 -4.70 15.30 -5.33
N ALA A 540 -4.59 15.88 -6.53
CA ALA A 540 -5.51 15.54 -7.61
C ALA A 540 -5.03 14.32 -8.38
N GLU A 541 -4.91 13.20 -7.68
CA GLU A 541 -4.50 11.95 -8.32
C GLU A 541 -5.55 11.53 -9.36
N ALA A 542 -5.09 11.38 -10.60
CA ALA A 542 -5.97 11.18 -11.77
C ALA A 542 -5.63 9.91 -12.53
N GLN A 543 -6.66 9.19 -12.96
CA GLN A 543 -6.47 8.04 -13.86
C GLN A 543 -7.40 8.14 -15.07
N MET A 544 -6.94 7.66 -16.21
CA MET A 544 -7.64 7.84 -17.48
C MET A 544 -8.21 6.55 -18.08
N VAL A 545 -9.30 6.70 -18.84
CA VAL A 545 -9.83 5.63 -19.66
C VAL A 545 -10.12 6.17 -21.06
N GLU A 546 -9.93 5.35 -22.08
CA GLU A 546 -10.30 5.78 -23.42
C GLU A 546 -11.71 5.28 -23.72
N LEU A 547 -12.69 6.19 -23.71
CA LEU A 547 -14.09 5.80 -23.95
C LEU A 547 -14.28 5.28 -25.37
N ARG A 548 -13.62 5.92 -26.31
CA ARG A 548 -13.58 5.48 -27.70
C ARG A 548 -12.39 6.18 -28.31
N ASP A 549 -12.05 5.84 -29.55
CA ASP A 549 -10.86 6.38 -30.20
CA ASP A 549 -10.89 6.39 -30.25
C ASP A 549 -10.75 7.90 -30.08
N GLY A 550 -9.65 8.35 -29.46
CA GLY A 550 -9.37 9.76 -29.26
C GLY A 550 -10.12 10.43 -28.13
N VAL A 551 -11.02 9.71 -27.48
CA VAL A 551 -11.83 10.28 -26.40
C VAL A 551 -11.38 9.73 -25.05
N ILE A 552 -10.82 10.61 -24.22
CA ILE A 552 -10.29 10.24 -22.92
C ILE A 552 -11.12 10.87 -21.80
N ARG A 553 -11.60 10.06 -20.87
CA ARG A 553 -12.12 10.63 -19.64
C ARG A 553 -11.16 10.35 -18.49
N THR A 554 -10.84 11.41 -17.75
CA THR A 554 -9.97 11.29 -16.60
C THR A 554 -10.80 11.44 -15.33
N PHE A 555 -10.64 10.49 -14.41
CA PHE A 555 -11.29 10.55 -13.11
C PHE A 555 -10.24 10.94 -12.07
N PHE A 556 -10.57 11.88 -11.18
CA PHE A 556 -9.58 12.33 -10.21
C PHE A 556 -10.10 12.69 -8.82
N ARG A 557 -9.18 12.53 -7.87
CA ARG A 557 -9.38 12.87 -6.46
C ARG A 557 -9.45 14.36 -6.26
N THR A 558 -10.34 14.80 -5.37
CA THR A 558 -10.50 16.24 -5.11
C THR A 558 -10.52 16.51 -3.61
N THR A 559 -10.94 17.71 -3.23
CA THR A 559 -11.06 18.09 -1.83
C THR A 559 -12.53 18.31 -1.46
N THR A 560 -13.44 17.84 -2.30
CA THR A 560 -14.87 18.17 -2.17
C THR A 560 -15.70 17.01 -1.65
N GLY A 561 -15.10 15.84 -1.51
CA GLY A 561 -15.84 14.65 -1.13
C GLY A 561 -16.45 13.90 -2.32
N LYS A 562 -16.28 14.45 -3.53
CA LYS A 562 -16.73 13.76 -4.73
C LYS A 562 -15.57 13.60 -5.71
N ILE A 563 -15.57 12.48 -6.42
CA ILE A 563 -14.61 12.24 -7.49
C ILE A 563 -14.97 13.13 -8.67
N ALA A 564 -13.96 13.76 -9.27
CA ALA A 564 -14.23 14.63 -10.41
C ALA A 564 -13.84 13.94 -11.71
N TYR A 565 -14.24 14.56 -12.82
CA TYR A 565 -13.80 14.07 -14.12
C TYR A 565 -13.73 15.19 -15.15
N MET A 566 -12.94 14.97 -16.18
CA MET A 566 -12.89 15.86 -17.34
C MET A 566 -12.69 14.99 -18.57
N THR A 567 -12.90 15.57 -19.75
CA THR A 567 -12.86 14.81 -21.00
C THR A 567 -12.02 15.51 -22.07
N SER A 568 -11.27 14.71 -22.83
CA SER A 568 -10.58 15.17 -24.03
C SER A 568 -11.15 14.43 -25.22
N ARG A 569 -11.28 15.11 -26.36
CA ARG A 569 -11.76 14.45 -27.56
C ARG A 569 -10.74 14.55 -28.67
N ASP A 570 -9.53 14.96 -28.31
CA ASP A 570 -8.46 15.08 -29.29
C ASP A 570 -7.20 14.44 -28.75
N SER A 571 -7.35 13.24 -28.17
CA SER A 571 -6.24 12.45 -27.68
C SER A 571 -5.33 13.21 -26.69
N GLY A 572 -5.93 14.03 -25.84
CA GLY A 572 -5.18 14.72 -24.79
C GLY A 572 -4.69 16.14 -25.06
N GLU A 573 -4.89 16.63 -26.27
CA GLU A 573 -4.49 18.00 -26.62
C GLU A 573 -5.24 19.06 -25.80
N THR A 574 -6.57 18.94 -25.72
CA THR A 574 -7.39 19.89 -24.96
C THR A 574 -8.31 19.16 -24.02
N TRP A 575 -8.75 19.87 -22.98
CA TRP A 575 -9.55 19.26 -21.91
C TRP A 575 -10.79 20.07 -21.53
N SER A 576 -11.86 19.36 -21.20
CA SER A 576 -13.12 19.99 -20.82
C SER A 576 -13.04 20.61 -19.44
N LYS A 577 -14.10 21.31 -19.05
CA LYS A 577 -14.27 21.72 -17.67
C LYS A 577 -14.50 20.50 -16.80
N VAL A 578 -14.47 20.71 -15.49
CA VAL A 578 -14.55 19.64 -14.51
C VAL A 578 -16.00 19.37 -14.07
N SER A 579 -16.42 18.10 -14.08
CA SER A 579 -17.70 17.72 -13.51
C SER A 579 -17.43 16.79 -12.35
N TYR A 580 -18.48 16.39 -11.64
CA TYR A 580 -18.33 15.51 -10.48
C TYR A 580 -19.29 14.33 -10.57
N ILE A 581 -18.84 13.20 -10.02
CA ILE A 581 -19.69 12.02 -9.91
C ILE A 581 -20.55 12.08 -8.65
N ASP A 582 -21.86 11.94 -8.81
CA ASP A 582 -22.74 11.74 -7.67
C ASP A 582 -22.93 10.24 -7.54
N GLY A 583 -23.24 9.78 -6.33
CA GLY A 583 -23.45 8.35 -6.12
C GLY A 583 -22.24 7.67 -5.51
N ILE A 584 -21.09 8.35 -5.52
CA ILE A 584 -19.95 7.88 -4.75
C ILE A 584 -19.47 8.99 -3.81
N GLN A 585 -19.20 8.61 -2.56
CA GLN A 585 -18.67 9.55 -1.57
C GLN A 585 -17.22 9.24 -1.21
N GLN A 586 -16.39 10.28 -1.13
CA GLN A 586 -15.08 10.16 -0.56
C GLN A 586 -15.01 11.12 0.62
N THR A 587 -13.93 11.04 1.38
CA THR A 587 -13.70 11.95 2.49
C THR A 587 -13.26 13.29 1.93
N SER A 588 -13.25 14.31 2.80
CA SER A 588 -12.76 15.63 2.42
C SER A 588 -11.36 15.58 1.80
N TYR A 589 -10.48 14.76 2.36
CA TYR A 589 -9.10 14.68 1.86
C TYR A 589 -8.96 13.79 0.62
N GLY A 590 -9.89 12.84 0.48
CA GLY A 590 -10.00 12.04 -0.74
C GLY A 590 -9.07 10.84 -0.80
N THR A 591 -9.26 10.01 -1.82
CA THR A 591 -8.41 8.84 -2.01
C THR A 591 -8.21 8.64 -3.50
N GLN A 592 -7.05 8.11 -3.86
CA GLN A 592 -6.76 7.74 -5.24
C GLN A 592 -7.89 6.86 -5.78
N VAL A 593 -8.24 7.06 -7.05
CA VAL A 593 -9.24 6.23 -7.72
C VAL A 593 -8.58 5.52 -8.91
N SER A 594 -8.85 4.23 -9.09
CA SER A 594 -8.36 3.54 -10.27
C SER A 594 -9.52 3.27 -11.23
N ALA A 595 -9.22 3.17 -12.53
CA ALA A 595 -10.27 3.11 -13.54
C ALA A 595 -9.82 2.41 -14.82
N ILE A 596 -10.68 1.57 -15.38
CA ILE A 596 -10.36 0.96 -16.66
C ILE A 596 -11.55 0.97 -17.61
N LYS A 597 -11.25 0.89 -18.91
CA LYS A 597 -12.27 0.64 -19.91
C LYS A 597 -12.32 -0.86 -20.11
N TYR A 598 -13.49 -1.45 -19.82
CA TYR A 598 -13.65 -2.90 -19.96
C TYR A 598 -13.79 -3.25 -21.43
N SER A 599 -13.16 -4.34 -21.88
CA SER A 599 -13.13 -4.67 -23.30
C SER A 599 -14.48 -5.18 -23.83
N GLN A 600 -15.32 -5.69 -22.95
CA GLN A 600 -16.59 -6.27 -23.36
C GLN A 600 -17.76 -5.38 -23.03
N LEU A 601 -18.83 -5.51 -23.82
CA LEU A 601 -20.06 -4.79 -23.54
C LEU A 601 -20.75 -5.42 -22.34
N ILE A 602 -21.48 -4.59 -21.61
CA ILE A 602 -22.28 -5.04 -20.47
C ILE A 602 -23.67 -4.43 -20.64
N ASP A 603 -24.70 -5.28 -20.57
CA ASP A 603 -26.06 -4.85 -20.84
C ASP A 603 -26.12 -4.13 -22.19
N GLY A 604 -25.31 -4.62 -23.13
CA GLY A 604 -25.24 -4.10 -24.49
C GLY A 604 -24.52 -2.78 -24.62
N LYS A 605 -23.86 -2.35 -23.55
CA LYS A 605 -23.22 -1.03 -23.51
CA LYS A 605 -23.23 -1.03 -23.56
C LYS A 605 -21.73 -1.09 -23.24
N GLU A 606 -21.01 -0.06 -23.67
CA GLU A 606 -19.61 0.11 -23.36
C GLU A 606 -19.50 0.38 -21.86
N ALA A 607 -18.51 -0.20 -21.21
CA ALA A 607 -18.42 -0.11 -19.75
C ALA A 607 -17.06 0.39 -19.27
N VAL A 608 -17.10 1.15 -18.18
CA VAL A 608 -15.93 1.64 -17.46
C VAL A 608 -16.09 1.11 -16.04
N ILE A 609 -14.98 0.73 -15.40
CA ILE A 609 -15.06 0.24 -14.03
C ILE A 609 -14.15 1.10 -13.15
N LEU A 610 -14.72 1.66 -12.07
CA LEU A 610 -13.97 2.49 -11.13
C LEU A 610 -13.76 1.71 -9.82
N SER A 611 -12.59 1.88 -9.22
CA SER A 611 -12.28 1.29 -7.91
C SER A 611 -11.95 2.41 -6.94
N THR A 612 -12.64 2.44 -5.81
CA THR A 612 -12.51 3.53 -4.84
C THR A 612 -13.17 3.13 -3.52
N PRO A 613 -12.71 3.72 -2.41
CA PRO A 613 -13.54 3.63 -1.22
C PRO A 613 -14.85 4.39 -1.50
N ASN A 614 -15.93 3.96 -0.86
CA ASN A 614 -17.18 4.69 -0.95
C ASN A 614 -17.60 5.03 0.47
N SER A 615 -17.14 6.17 0.95
CA SER A 615 -17.32 6.52 2.36
C SER A 615 -17.00 7.99 2.57
N ARG A 616 -17.81 8.68 3.36
CA ARG A 616 -17.56 10.09 3.68
C ARG A 616 -16.76 10.21 4.97
N SER A 617 -16.49 9.07 5.62
CA SER A 617 -15.88 9.04 6.94
CA SER A 617 -15.88 9.05 6.94
C SER A 617 -14.38 8.69 6.94
N GLY A 618 -14.02 7.63 6.22
CA GLY A 618 -12.63 7.21 6.18
C GLY A 618 -12.35 6.43 4.93
N ARG A 619 -11.19 5.79 4.85
CA ARG A 619 -10.87 4.97 3.68
C ARG A 619 -11.33 3.55 3.96
N LYS A 620 -12.59 3.28 3.64
CA LYS A 620 -13.22 2.00 3.92
C LYS A 620 -14.43 1.92 3.00
N GLY A 621 -15.13 0.79 3.00
CA GLY A 621 -16.25 0.62 2.11
C GLY A 621 -15.83 0.52 0.65
N GLY A 622 -14.80 -0.28 0.38
CA GLY A 622 -14.29 -0.40 -0.97
C GLY A 622 -15.32 -0.90 -1.97
N GLN A 623 -15.35 -0.28 -3.14
CA GLN A 623 -16.24 -0.72 -4.22
C GLN A 623 -15.59 -0.77 -5.59
N LEU A 624 -16.09 -1.65 -6.44
CA LEU A 624 -15.89 -1.49 -7.87
C LEU A 624 -17.23 -0.97 -8.36
N VAL A 625 -17.22 0.11 -9.15
CA VAL A 625 -18.48 0.70 -9.62
C VAL A 625 -18.50 0.59 -11.14
N VAL A 626 -19.51 -0.08 -11.67
CA VAL A 626 -19.56 -0.32 -13.10
C VAL A 626 -20.44 0.74 -13.75
N GLY A 627 -19.87 1.48 -14.69
CA GLY A 627 -20.61 2.51 -15.39
C GLY A 627 -20.80 2.18 -16.85
N LEU A 628 -22.00 2.44 -17.37
CA LEU A 628 -22.31 2.19 -18.77
C LEU A 628 -22.36 3.51 -19.55
N VAL A 629 -21.66 3.55 -20.68
CA VAL A 629 -21.52 4.76 -21.47
C VAL A 629 -22.75 4.97 -22.34
N ASN A 630 -23.29 6.19 -22.29
CA ASN A 630 -24.36 6.61 -23.16
C ASN A 630 -23.77 7.22 -24.43
N LYS A 631 -23.95 6.56 -25.56
CA LYS A 631 -23.30 6.95 -26.80
C LYS A 631 -23.76 8.31 -27.36
N GLU A 632 -24.93 8.77 -26.91
CA GLU A 632 -25.46 10.06 -27.34
C GLU A 632 -24.52 11.20 -26.97
N ASP A 633 -23.96 11.12 -25.76
CA ASP A 633 -23.29 12.25 -25.16
C ASP A 633 -22.07 11.88 -24.33
N ASP A 634 -21.76 10.58 -24.31
CA ASP A 634 -20.64 10.04 -23.53
C ASP A 634 -20.82 10.22 -22.02
N SER A 635 -22.07 10.35 -21.59
CA SER A 635 -22.36 10.38 -20.17
C SER A 635 -22.28 8.96 -19.66
N ILE A 636 -22.04 8.81 -18.36
CA ILE A 636 -21.92 7.48 -17.78
C ILE A 636 -22.96 7.28 -16.70
N ASP A 637 -23.70 6.19 -16.83
CA ASP A 637 -24.68 5.78 -15.83
CA ASP A 637 -24.65 5.82 -15.80
C ASP A 637 -24.03 4.74 -14.92
N TRP A 638 -23.76 5.11 -13.67
CA TRP A 638 -23.13 4.21 -12.72
C TRP A 638 -24.18 3.25 -12.21
N LYS A 639 -24.21 2.06 -12.80
CA LYS A 639 -25.34 1.14 -12.67
C LYS A 639 -25.15 0.07 -11.59
N TYR A 640 -23.94 -0.49 -11.50
CA TYR A 640 -23.65 -1.54 -10.52
C TYR A 640 -22.56 -1.11 -9.54
N HIS A 641 -22.80 -1.35 -8.24
CA HIS A 641 -21.82 -1.11 -7.19
C HIS A 641 -21.50 -2.46 -6.54
N TYR A 642 -20.27 -2.93 -6.67
CA TYR A 642 -19.84 -4.17 -6.00
C TYR A 642 -19.04 -3.86 -4.74
N ASP A 643 -19.52 -4.35 -3.61
CA ASP A 643 -18.83 -4.13 -2.35
C ASP A 643 -17.66 -5.13 -2.20
N ILE A 644 -16.44 -4.61 -2.19
CA ILE A 644 -15.24 -5.46 -2.08
C ILE A 644 -15.21 -6.25 -0.77
N ASP A 645 -15.55 -5.57 0.33
CA ASP A 645 -15.71 -6.19 1.63
C ASP A 645 -16.65 -5.26 2.42
N LEU A 646 -16.77 -5.47 3.74
CA LEU A 646 -17.72 -4.70 4.55
C LEU A 646 -17.54 -3.17 4.42
N PRO A 647 -18.64 -2.41 4.56
CA PRO A 647 -18.57 -0.94 4.53
C PRO A 647 -17.58 -0.39 5.57
N SER A 648 -17.41 -1.12 6.66
CA SER A 648 -16.57 -0.64 7.78
C SER A 648 -15.12 -1.13 7.70
N TYR A 649 -14.84 -2.05 6.78
CA TYR A 649 -13.48 -2.58 6.62
C TYR A 649 -12.67 -1.73 5.65
N GLY A 650 -11.37 -1.62 5.90
CA GLY A 650 -10.51 -0.68 5.21
C GLY A 650 -10.31 -0.91 3.72
N TYR A 651 -10.26 0.19 2.98
CA TYR A 651 -9.97 0.14 1.56
C TYR A 651 -9.42 1.48 1.13
N ALA A 652 -8.18 1.50 0.63
CA ALA A 652 -7.56 2.78 0.28
C ALA A 652 -7.10 2.88 -1.18
N TYR A 653 -5.81 3.09 -1.41
CA TYR A 653 -5.32 3.16 -2.79
C TYR A 653 -5.53 1.81 -3.47
N SER A 654 -5.74 1.82 -4.78
CA SER A 654 -6.11 0.58 -5.46
C SER A 654 -5.66 0.58 -6.90
N ALA A 655 -5.56 -0.62 -7.44
CA ALA A 655 -5.16 -0.84 -8.82
C ALA A 655 -6.12 -1.85 -9.40
N ILE A 656 -6.59 -1.60 -10.61
CA ILE A 656 -7.47 -2.56 -11.26
CA ILE A 656 -7.50 -2.52 -11.27
C ILE A 656 -7.02 -2.80 -12.70
N THR A 657 -7.21 -4.03 -13.16
CA THR A 657 -6.85 -4.34 -14.53
C THR A 657 -7.75 -5.43 -15.08
N GLU A 658 -8.03 -5.36 -16.38
CA GLU A 658 -8.73 -6.46 -17.02
C GLU A 658 -7.69 -7.51 -17.38
N LEU A 659 -7.83 -8.68 -16.77
CA LEU A 659 -6.89 -9.76 -17.01
C LEU A 659 -7.13 -10.31 -18.42
N PRO A 660 -6.13 -11.04 -18.97
CA PRO A 660 -6.30 -11.55 -20.35
C PRO A 660 -7.52 -12.44 -20.55
N ASN A 661 -8.01 -13.08 -19.49
CA ASN A 661 -9.18 -13.95 -19.60
C ASN A 661 -10.48 -13.21 -19.34
N HIS A 662 -10.39 -11.88 -19.29
CA HIS A 662 -11.53 -10.99 -19.04
C HIS A 662 -12.02 -10.95 -17.60
N HIS A 663 -11.34 -11.66 -16.70
CA HIS A 663 -11.54 -11.45 -15.27
C HIS A 663 -10.99 -10.08 -14.91
N ILE A 664 -11.28 -9.63 -13.69
CA ILE A 664 -10.75 -8.36 -13.18
C ILE A 664 -9.79 -8.65 -12.02
N GLY A 665 -8.58 -8.12 -12.09
CA GLY A 665 -7.65 -8.22 -10.98
C GLY A 665 -7.66 -6.91 -10.20
N VAL A 666 -7.68 -7.00 -8.86
CA VAL A 666 -7.63 -5.82 -8.00
C VAL A 666 -6.52 -5.99 -6.96
N LEU A 667 -5.57 -5.04 -6.96
CA LEU A 667 -4.52 -5.01 -5.94
C LEU A 667 -4.74 -3.73 -5.14
N PHE A 668 -4.92 -3.85 -3.84
CA PHE A 668 -5.40 -2.70 -3.07
C PHE A 668 -4.91 -2.68 -1.63
N GLU A 669 -4.79 -1.49 -1.08
CA GLU A 669 -4.51 -1.33 0.34
C GLU A 669 -5.75 -1.67 1.13
N LYS A 670 -5.75 -2.83 1.79
CA LYS A 670 -6.89 -3.23 2.61
C LYS A 670 -6.75 -2.72 4.05
N TYR A 671 -6.73 -1.40 4.18
CA TYR A 671 -6.68 -0.77 5.50
C TYR A 671 -6.89 0.72 5.30
N ASP A 672 -7.05 1.45 6.37
CA ASP A 672 -7.19 2.89 6.21
C ASP A 672 -5.80 3.52 6.23
N SER A 673 -5.29 3.86 5.06
CA SER A 673 -3.94 4.38 4.96
C SER A 673 -3.87 5.88 5.28
N TRP A 674 -4.98 6.46 5.69
CA TRP A 674 -4.99 7.83 6.20
C TRP A 674 -4.88 7.82 7.71
N SER A 675 -5.58 6.88 8.33
CA SER A 675 -5.75 6.83 9.77
C SER A 675 -4.42 6.76 10.52
N ARG A 676 -4.28 7.60 11.53
CA ARG A 676 -3.07 7.58 12.35
C ARG A 676 -3.09 6.37 13.31
N ASN A 677 -4.17 5.59 13.29
CA ASN A 677 -4.21 4.38 14.11
C ASN A 677 -3.77 3.10 13.34
N GLU A 678 -3.64 3.23 12.02
CA GLU A 678 -3.39 2.07 11.15
C GLU A 678 -2.07 2.16 10.38
N LEU A 679 -1.13 2.94 10.92
CA LEU A 679 0.21 3.03 10.38
C LEU A 679 0.97 1.73 10.55
N HIS A 680 1.90 1.48 9.62
CA HIS A 680 2.92 0.46 9.80
C HIS A 680 2.32 -0.93 10.03
N LEU A 681 1.42 -1.34 9.15
CA LEU A 681 0.86 -2.70 9.18
C LEU A 681 1.48 -3.51 8.06
N SER A 682 1.79 -4.78 8.34
CA SER A 682 2.37 -5.64 7.31
CA SER A 682 2.38 -5.71 7.36
C SER A 682 1.32 -6.45 6.55
N ASN A 683 1.56 -6.63 5.25
CA ASN A 683 0.75 -7.50 4.41
C ASN A 683 -0.73 -7.13 4.35
N VAL A 684 -1.00 -5.85 4.11
CA VAL A 684 -2.37 -5.35 3.96
C VAL A 684 -2.67 -4.95 2.51
N VAL A 685 -1.62 -4.81 1.71
CA VAL A 685 -1.81 -4.69 0.26
C VAL A 685 -2.02 -6.09 -0.30
N GLN A 686 -3.24 -6.33 -0.80
CA GLN A 686 -3.66 -7.68 -1.19
C GLN A 686 -4.33 -7.68 -2.56
N TYR A 687 -4.31 -8.85 -3.19
CA TYR A 687 -4.81 -9.05 -4.56
C TYR A 687 -5.98 -10.03 -4.55
N ILE A 688 -7.03 -9.70 -5.28
CA ILE A 688 -8.16 -10.62 -5.47
C ILE A 688 -8.51 -10.73 -6.95
N ASP A 689 -9.22 -11.80 -7.30
CA ASP A 689 -9.64 -12.02 -8.67
C ASP A 689 -11.17 -11.98 -8.73
N LEU A 690 -11.72 -11.24 -9.68
CA LEU A 690 -13.18 -11.14 -9.82
C LEU A 690 -13.63 -11.35 -11.26
N GLU A 691 -14.88 -11.79 -11.43
CA GLU A 691 -15.51 -11.88 -12.74
C GLU A 691 -16.63 -10.84 -12.81
N ILE A 692 -16.97 -10.39 -14.02
CA ILE A 692 -17.97 -9.34 -14.16
CA ILE A 692 -17.96 -9.32 -14.11
C ILE A 692 -19.30 -9.74 -13.53
N ASN A 693 -19.65 -11.01 -13.68
CA ASN A 693 -20.89 -11.51 -13.09
C ASN A 693 -20.91 -11.35 -11.56
N ASP A 694 -19.72 -11.29 -10.94
CA ASP A 694 -19.64 -11.02 -9.51
C ASP A 694 -20.02 -9.58 -9.22
N LEU A 695 -19.63 -8.67 -10.13
CA LEU A 695 -19.86 -7.24 -9.95
C LEU A 695 -21.32 -6.87 -10.22
N THR A 696 -21.93 -7.55 -11.18
CA THR A 696 -23.31 -7.26 -11.56
C THR A 696 -24.25 -8.23 -10.87
C1 TAU B . -0.31 11.10 -0.52
C2 TAU B . -0.70 9.76 0.00
N1 TAU B . 0.92 10.95 -1.27
S TAU B . -1.97 9.93 1.21
O1 TAU B . -3.11 10.62 0.65
O2 TAU B . -2.32 8.60 1.74
O3 TAU B . -1.54 10.80 2.28
S DMS C . -3.85 -1.89 -19.47
O DMS C . -4.14 -3.03 -18.12
C1 DMS C . -4.27 -2.67 -21.05
C2 DMS C . -5.17 -0.64 -19.48
S DMS D . 2.58 -6.00 12.07
O DMS D . 1.39 -5.96 10.74
C1 DMS D . 4.04 -5.07 11.56
C2 DMS D . 2.03 -4.92 13.41
S DMS E . -10.66 -4.25 24.89
O DMS E . -12.29 -4.87 25.30
C1 DMS E . -10.70 -3.71 23.16
C2 DMS E . -10.43 -2.63 25.67
#